data_5JXZ
#
_entry.id   5JXZ
#
_cell.length_a   80.205
_cell.length_b   80.205
_cell.length_c   272.200
_cell.angle_alpha   90.00
_cell.angle_beta   90.00
_cell.angle_gamma   90.00
#
_symmetry.space_group_name_H-M   'P 41 21 2'
#
loop_
_entity.id
_entity.type
_entity.pdbx_description
1 polymer 'Isochorismate synthase EntC'
2 non-polymer 'MAGNESIUM ION'
3 non-polymer '(5S,6S)-5-[(1-carboxyethenyl)oxy]-6-hydroxycyclohexa-1,3-diene-1-carboxylic acid'
4 non-polymer '(3R,4R)-3-[(1-carboxyethenyl)oxy]-4-hydroxycyclohexa-1,5-diene-1-carboxylic acid'
5 water water
#
_entity_poly.entity_id   1
_entity_poly.type   'polypeptide(L)'
_entity_poly.pdbx_seq_one_letter_code
;MDTSLAEEVQQTMATLAPNRFFFMSPYRSFTTSGCFARFDEPAVNGDSPDSPFQQKLAALFADAKAQGIKNPVMVGAIPF
DPRQPSSLYIPESWQSFSRQEKQASARRFTRSQSLNVVERQAIPEQTTFEQMVARAAALTATPQVDKVVLSRLIDITTDA
AIDSGVLLERLIAQNPVSYNFHVPLADGGVLLGASPELLLRKDGERFSSIPLAGSARRQPDEVLDREAGNRLLASEKDRH
EHELVTQAMKEVLRERSSELHVPSSPQLITTPTLWHLATPFEGKANSQENALTLACLLHPTPALSGFPHQAATQVIAELE
PFDRELFGGIVGWCDSEGNGEWVVTIRCAKLRENQVRLFAGAGIVPASSPLGEWRETGVKLSTMLNVFGLH
;
_entity_poly.pdbx_strand_id   A,B
#
loop_
_chem_comp.id
_chem_comp.type
_chem_comp.name
_chem_comp.formula
ISC non-polymer '(5S,6S)-5-[(1-carboxyethenyl)oxy]-6-hydroxycyclohexa-1,3-diene-1-carboxylic acid' 'C10 H10 O6'
ISJ non-polymer '(3R,4R)-3-[(1-carboxyethenyl)oxy]-4-hydroxycyclohexa-1,5-diene-1-carboxylic acid' 'C10 H10 O6'
MG non-polymer 'MAGNESIUM ION' 'Mg 2'
#
# COMPACT_ATOMS: atom_id res chain seq x y z
N THR A 15 -1.24 -28.23 12.23
CA THR A 15 -0.17 -27.33 11.81
C THR A 15 0.39 -27.77 10.46
N LEU A 16 1.32 -26.99 9.92
CA LEU A 16 1.83 -27.24 8.58
C LEU A 16 2.86 -28.38 8.57
N ALA A 17 2.73 -29.32 7.63
CA ALA A 17 3.75 -30.36 7.53
C ALA A 17 5.08 -29.76 7.04
N PRO A 18 6.21 -30.34 7.44
CA PRO A 18 7.50 -29.76 7.04
C PRO A 18 7.83 -29.94 5.59
N ASN A 19 7.09 -30.76 4.83
CA ASN A 19 7.39 -30.94 3.41
C ASN A 19 6.60 -29.99 2.51
N ARG A 20 5.95 -28.99 3.09
CA ARG A 20 5.17 -28.02 2.34
C ARG A 20 5.78 -26.64 2.39
N PHE A 21 5.69 -25.93 1.26
CA PHE A 21 6.08 -24.54 1.13
C PHE A 21 4.92 -23.64 1.56
N PHE A 22 5.27 -22.54 2.21
CA PHE A 22 4.29 -21.60 2.76
C PHE A 22 4.83 -20.19 2.57
N PHE A 23 4.00 -19.29 2.06
CA PHE A 23 4.43 -17.93 1.80
C PHE A 23 3.27 -17.01 2.11
N MET A 24 3.53 -16.02 2.96
CA MET A 24 2.48 -15.13 3.45
C MET A 24 2.88 -13.70 3.13
N SER A 25 2.06 -13.02 2.35
CA SER A 25 2.47 -11.77 1.75
C SER A 25 1.24 -10.95 1.36
N PRO A 26 1.34 -9.61 1.37
CA PRO A 26 0.26 -8.79 0.84
C PRO A 26 0.01 -9.00 -0.65
N TYR A 27 0.95 -9.60 -1.38
CA TYR A 27 0.72 -9.90 -2.80
C TYR A 27 -0.06 -11.21 -2.95
N ARG A 28 0.64 -12.35 -2.96
CA ARG A 28 -0.02 -13.66 -2.94
C ARG A 28 0.39 -14.42 -1.67
N SER A 29 -0.59 -15.02 -1.02
CA SER A 29 -0.33 -15.89 0.12
C SER A 29 -0.78 -17.29 -0.26
N PHE A 30 0.09 -18.28 -0.09
CA PHE A 30 -0.32 -19.64 -0.47
C PHE A 30 0.52 -20.70 0.19
N THR A 31 -0.01 -21.90 0.20
CA THR A 31 0.75 -23.10 0.50
C THR A 31 0.91 -23.96 -0.75
N THR A 32 1.73 -25.01 -0.63
CA THR A 32 1.86 -25.99 -1.70
C THR A 32 1.72 -27.39 -1.16
N SER A 33 1.57 -28.34 -2.09
CA SER A 33 1.46 -29.75 -1.77
C SER A 33 2.22 -30.52 -2.84
N GLY A 34 2.94 -31.54 -2.43
CA GLY A 34 3.56 -32.41 -3.42
C GLY A 34 4.82 -31.80 -4.00
N CYS A 35 5.34 -32.50 -5.00
CA CYS A 35 6.58 -32.09 -5.67
C CYS A 35 6.53 -32.66 -7.08
N PHE A 36 6.35 -31.80 -8.08
CA PHE A 36 6.46 -32.24 -9.46
C PHE A 36 7.91 -32.38 -9.88
N ALA A 37 8.74 -31.38 -9.59
CA ALA A 37 10.13 -31.44 -10.02
C ALA A 37 11.00 -30.50 -9.18
N ARG A 38 12.10 -31.03 -8.69
CA ARG A 38 13.09 -30.16 -8.04
C ARG A 38 13.93 -29.45 -9.08
N PHE A 39 14.43 -28.28 -8.71
CA PHE A 39 15.20 -27.44 -9.63
C PHE A 39 16.38 -26.86 -8.86
N ASP A 40 17.59 -27.36 -9.09
CA ASP A 40 18.73 -26.94 -8.28
C ASP A 40 19.77 -26.18 -9.10
N GLU A 41 19.42 -25.77 -10.32
CA GLU A 41 20.35 -25.06 -11.20
C GLU A 41 20.80 -23.76 -10.53
N PRO A 42 22.10 -23.47 -10.53
CA PRO A 42 22.55 -22.18 -9.97
C PRO A 42 21.91 -21.00 -10.68
N ALA A 43 21.57 -19.99 -9.89
CA ALA A 43 20.90 -18.81 -10.40
C ALA A 43 21.87 -17.78 -10.94
N VAL A 44 23.19 -18.08 -10.94
CA VAL A 44 24.17 -17.13 -11.46
C VAL A 44 23.83 -16.81 -12.90
N ASN A 45 23.92 -15.52 -13.25
CA ASN A 45 23.58 -15.00 -14.56
C ASN A 45 22.08 -15.11 -14.86
N GLY A 46 21.25 -15.43 -13.87
CA GLY A 46 19.81 -15.55 -14.10
C GLY A 46 19.14 -14.27 -14.55
N ASP A 47 19.83 -13.13 -14.49
CA ASP A 47 19.25 -11.95 -15.09
C ASP A 47 19.19 -12.02 -16.61
N SER A 48 19.86 -13.01 -17.23
CA SER A 48 19.87 -13.13 -18.69
C SER A 48 18.88 -14.19 -19.13
N PRO A 49 17.94 -13.86 -20.03
CA PRO A 49 17.04 -14.89 -20.57
C PRO A 49 17.76 -16.03 -21.28
N ASP A 50 19.00 -15.80 -21.72
CA ASP A 50 19.80 -16.82 -22.38
C ASP A 50 20.65 -17.61 -21.42
N SER A 51 20.61 -17.31 -20.13
CA SER A 51 21.36 -18.09 -19.18
C SER A 51 20.81 -19.51 -19.09
N PRO A 52 21.64 -20.48 -18.71
CA PRO A 52 21.10 -21.82 -18.45
C PRO A 52 20.04 -21.84 -17.37
N PHE A 53 20.18 -21.00 -16.34
CA PHE A 53 19.13 -20.91 -15.32
C PHE A 53 17.77 -20.59 -15.95
N GLN A 54 17.68 -19.53 -16.76
CA GLN A 54 16.39 -19.14 -17.33
C GLN A 54 15.92 -20.12 -18.39
N GLN A 55 16.85 -20.67 -19.17
CA GLN A 55 16.47 -21.60 -20.22
C GLN A 55 15.89 -22.87 -19.61
N LYS A 56 16.52 -23.37 -18.55
CA LYS A 56 16.04 -24.60 -17.92
C LYS A 56 14.77 -24.34 -17.12
N LEU A 57 14.66 -23.16 -16.51
CA LEU A 57 13.41 -22.77 -15.87
C LEU A 57 12.25 -22.84 -16.87
N ALA A 58 12.45 -22.26 -18.04
CA ALA A 58 11.43 -22.26 -19.09
C ALA A 58 11.11 -23.69 -19.53
N ALA A 59 12.15 -24.50 -19.77
CA ALA A 59 11.92 -25.90 -20.13
C ALA A 59 11.10 -26.61 -19.07
N LEU A 60 11.38 -26.34 -17.81
CA LEU A 60 10.72 -27.11 -16.76
C LEU A 60 9.25 -26.71 -16.62
N PHE A 61 8.96 -25.42 -16.78
CA PHE A 61 7.54 -25.02 -16.82
C PHE A 61 6.81 -25.66 -18.00
N ALA A 62 7.44 -25.69 -19.17
CA ALA A 62 6.77 -26.29 -20.32
C ALA A 62 6.51 -27.76 -20.07
N ASP A 63 7.46 -28.43 -19.43
CA ASP A 63 7.27 -29.83 -19.11
C ASP A 63 6.15 -30.04 -18.09
N ALA A 64 6.08 -29.20 -17.06
CA ALA A 64 5.01 -29.32 -16.08
C ALA A 64 3.65 -29.24 -16.76
N LYS A 65 3.46 -28.25 -17.64
CA LYS A 65 2.18 -28.11 -18.31
C LYS A 65 1.90 -29.30 -19.24
N ALA A 66 2.94 -29.79 -19.91
CA ALA A 66 2.81 -30.95 -20.78
C ALA A 66 2.33 -32.15 -20.01
N GLN A 67 2.68 -32.22 -18.74
CA GLN A 67 2.27 -33.34 -17.90
C GLN A 67 1.03 -33.04 -17.11
N GLY A 68 0.33 -31.96 -17.41
CA GLY A 68 -0.95 -31.70 -16.81
C GLY A 68 -0.93 -30.86 -15.56
N ILE A 69 0.20 -30.22 -15.25
CA ILE A 69 0.22 -29.25 -14.16
C ILE A 69 -0.28 -27.93 -14.73
N LYS A 70 -1.48 -27.55 -14.34
CA LYS A 70 -2.02 -26.25 -14.66
C LYS A 70 -1.41 -25.19 -13.76
N ASN A 71 -1.06 -24.06 -14.37
CA ASN A 71 -0.60 -22.88 -13.63
C ASN A 71 0.56 -23.28 -12.73
N PRO A 72 1.61 -23.88 -13.27
CA PRO A 72 2.76 -24.30 -12.45
C PRO A 72 3.43 -23.11 -11.78
N VAL A 73 3.95 -23.34 -10.60
CA VAL A 73 4.73 -22.32 -9.90
C VAL A 73 6.06 -22.90 -9.45
N MET A 74 7.10 -22.08 -9.50
CA MET A 74 8.42 -22.43 -8.98
C MET A 74 8.59 -21.71 -7.64
N VAL A 75 8.86 -22.47 -6.58
CA VAL A 75 8.96 -21.93 -5.23
C VAL A 75 10.28 -22.34 -4.62
N GLY A 76 10.72 -21.54 -3.62
CA GLY A 76 11.83 -21.98 -2.80
C GLY A 76 12.84 -20.86 -2.49
N ALA A 77 14.09 -21.26 -2.32
CA ALA A 77 15.14 -20.35 -1.88
C ALA A 77 16.34 -20.44 -2.80
N ILE A 78 17.01 -19.31 -2.98
CA ILE A 78 18.23 -19.19 -3.76
C ILE A 78 19.32 -18.69 -2.81
N PRO A 79 20.51 -19.28 -2.81
CA PRO A 79 21.52 -18.88 -1.83
C PRO A 79 22.10 -17.49 -2.09
N PHE A 80 22.77 -16.99 -1.02
CA PHE A 80 23.49 -15.72 -1.07
C PHE A 80 24.44 -15.65 -2.26
N ASP A 81 25.24 -16.70 -2.45
CA ASP A 81 26.10 -16.83 -3.62
C ASP A 81 25.37 -17.67 -4.68
N PRO A 82 24.91 -17.07 -5.78
CA PRO A 82 24.09 -17.85 -6.74
C PRO A 82 24.88 -18.77 -7.64
N ARG A 83 26.20 -18.87 -7.47
CA ARG A 83 26.94 -19.94 -8.13
C ARG A 83 26.70 -21.26 -7.44
N GLN A 84 26.20 -21.23 -6.19
CA GLN A 84 25.85 -22.45 -5.50
C GLN A 84 24.49 -22.95 -6.01
N PRO A 85 24.17 -24.22 -5.75
CA PRO A 85 22.89 -24.75 -6.20
C PRO A 85 21.73 -24.06 -5.53
N SER A 86 20.61 -23.99 -6.26
CA SER A 86 19.37 -23.42 -5.75
C SER A 86 18.57 -24.49 -5.02
N SER A 87 17.63 -24.04 -4.19
CA SER A 87 16.70 -24.92 -3.47
C SER A 87 15.27 -24.60 -3.92
N LEU A 88 14.99 -24.84 -5.20
CA LEU A 88 13.70 -24.51 -5.81
C LEU A 88 12.99 -25.78 -6.23
N TYR A 89 11.66 -25.70 -6.32
CA TYR A 89 10.91 -26.82 -6.90
C TYR A 89 9.54 -26.36 -7.39
N ILE A 90 9.01 -27.13 -8.33
CA ILE A 90 7.61 -27.03 -8.75
C ILE A 90 6.79 -28.01 -7.92
N PRO A 91 5.79 -27.55 -7.17
CA PRO A 91 4.90 -28.46 -6.45
C PRO A 91 3.84 -29.06 -7.38
N GLU A 92 3.16 -30.07 -6.87
CA GLU A 92 2.02 -30.66 -7.60
C GLU A 92 0.82 -29.72 -7.63
N SER A 93 0.60 -29.00 -6.53
CA SER A 93 -0.50 -28.06 -6.46
C SER A 93 -0.19 -26.96 -5.47
N TRP A 94 -0.94 -25.87 -5.58
CA TRP A 94 -0.84 -24.78 -4.64
C TRP A 94 -2.25 -24.33 -4.23
N GLN A 95 -2.30 -23.71 -3.06
CA GLN A 95 -3.55 -23.35 -2.38
C GLN A 95 -3.41 -21.94 -1.82
N SER A 96 -4.12 -21.00 -2.41
CA SER A 96 -4.21 -19.64 -1.88
C SER A 96 -4.88 -19.66 -0.52
N PHE A 97 -4.50 -18.70 0.35
CA PHE A 97 -5.26 -18.43 1.56
C PHE A 97 -5.26 -16.93 1.80
N SER A 98 -6.16 -16.47 2.68
CA SER A 98 -6.29 -15.06 3.01
C SER A 98 -5.28 -14.65 4.08
N ARG A 99 -4.38 -13.74 3.73
CA ARG A 99 -3.42 -13.21 4.71
C ARG A 99 -4.13 -12.60 5.92
N GLN A 100 -5.19 -11.84 5.66
CA GLN A 100 -6.00 -11.21 6.72
C GLN A 100 -6.60 -12.25 7.67
N GLU A 101 -7.16 -13.32 7.12
CA GLU A 101 -7.73 -14.38 7.95
C GLU A 101 -6.64 -15.09 8.74
N LYS A 102 -5.47 -15.30 8.12
CA LYS A 102 -4.35 -15.90 8.86
C LYS A 102 -3.87 -14.99 9.98
N GLN A 103 -3.79 -13.67 9.73
CA GLN A 103 -3.40 -12.73 10.78
C GLN A 103 -4.35 -12.80 11.97
N ALA A 104 -5.66 -12.90 11.72
CA ALA A 104 -6.65 -12.98 12.80
C ALA A 104 -6.57 -14.29 13.56
N SER A 105 -6.33 -15.41 12.89
CA SER A 105 -6.35 -16.72 13.52
C SER A 105 -5.11 -17.00 14.36
N ALA A 106 -3.93 -16.68 13.85
CA ALA A 106 -2.69 -17.19 14.50
C ALA A 106 -2.49 -16.66 15.93
N THR A 110 1.34 -19.60 21.26
CA THR A 110 0.93 -21.00 21.44
C THR A 110 2.15 -21.93 21.47
N ARG A 111 1.97 -23.12 22.05
CA ARG A 111 3.08 -24.03 22.32
C ARG A 111 2.58 -25.46 22.21
N SER A 112 3.51 -26.37 21.99
CA SER A 112 3.23 -27.78 22.13
C SER A 112 4.27 -28.52 22.96
N GLN A 113 5.47 -27.99 23.08
CA GLN A 113 6.56 -28.72 23.70
C GLN A 113 7.36 -27.76 24.55
N SER A 114 7.95 -28.28 25.62
CA SER A 114 8.96 -27.56 26.36
C SER A 114 10.31 -28.17 25.99
N LEU A 115 11.18 -27.35 25.38
CA LEU A 115 12.46 -27.80 24.88
C LEU A 115 13.58 -27.41 25.85
N ASN A 116 14.50 -28.34 26.03
CA ASN A 116 15.70 -28.10 26.79
C ASN A 116 16.84 -27.77 25.83
N VAL A 117 17.75 -26.94 26.28
CA VAL A 117 18.89 -26.51 25.50
C VAL A 117 20.13 -27.27 25.96
N VAL A 118 20.63 -28.10 25.07
CA VAL A 118 21.81 -28.91 25.27
C VAL A 118 23.06 -28.16 24.92
N GLU A 119 23.03 -27.36 23.86
CA GLU A 119 24.16 -26.54 23.50
C GLU A 119 23.66 -25.29 22.78
N ARG A 120 24.35 -24.18 23.02
CA ARG A 120 24.07 -22.91 22.37
C ARG A 120 25.37 -22.19 22.15
N GLN A 121 25.65 -21.83 20.91
CA GLN A 121 26.98 -21.34 20.53
C GLN A 121 26.85 -20.17 19.57
N ALA A 122 27.44 -19.05 19.95
CA ALA A 122 27.52 -17.90 19.05
C ALA A 122 28.71 -18.07 18.11
N ILE A 123 28.47 -17.91 16.82
CA ILE A 123 29.49 -18.13 15.83
C ILE A 123 29.57 -16.90 14.94
N PRO A 124 30.60 -16.06 15.12
CA PRO A 124 31.62 -16.07 16.18
C PRO A 124 31.11 -15.47 17.46
N GLU A 125 31.97 -15.48 18.47
CA GLU A 125 31.68 -14.84 19.73
C GLU A 125 32.00 -13.36 19.65
N GLN A 126 31.63 -12.64 20.72
CA GLN A 126 31.57 -11.17 20.70
C GLN A 126 32.90 -10.54 20.31
N THR A 127 34.00 -10.90 20.99
CA THR A 127 35.27 -10.24 20.71
C THR A 127 35.68 -10.43 19.28
N THR A 128 35.53 -11.67 18.77
CA THR A 128 35.89 -11.97 17.39
C THR A 128 35.02 -11.18 16.40
N PHE A 129 33.70 -11.16 16.63
CA PHE A 129 32.84 -10.39 15.72
C PHE A 129 33.18 -8.90 15.77
N GLU A 130 33.46 -8.37 16.96
CA GLU A 130 33.82 -6.95 17.05
C GLU A 130 35.10 -6.66 16.28
N GLN A 131 36.09 -7.57 16.32
CA GLN A 131 37.30 -7.37 15.50
C GLN A 131 37.03 -7.50 14.02
N MET A 132 36.15 -8.43 13.61
CA MET A 132 35.73 -8.47 12.23
C MET A 132 35.12 -7.14 11.79
N VAL A 133 34.22 -6.59 12.61
CA VAL A 133 33.60 -5.32 12.26
C VAL A 133 34.66 -4.24 12.09
N ALA A 134 35.59 -4.16 13.05
CA ALA A 134 36.67 -3.17 12.96
C ALA A 134 37.45 -3.31 11.66
N ARG A 135 37.77 -4.56 11.29
CA ARG A 135 38.49 -4.77 10.04
C ARG A 135 37.70 -4.28 8.84
N ALA A 136 36.41 -4.64 8.79
CA ALA A 136 35.58 -4.22 7.67
C ALA A 136 35.44 -2.70 7.61
N ALA A 137 35.25 -2.07 8.77
CA ALA A 137 35.16 -0.62 8.79
C ALA A 137 36.45 0.00 8.26
N ALA A 138 37.60 -0.57 8.63
CA ALA A 138 38.88 -0.09 8.14
C ALA A 138 38.95 -0.19 6.63
N LEU A 139 38.51 -1.33 6.09
CA LEU A 139 38.48 -1.49 4.64
C LEU A 139 37.52 -0.50 3.97
N THR A 140 36.37 -0.22 4.58
CA THR A 140 35.46 0.74 3.97
C THR A 140 35.99 2.16 4.00
N ALA A 141 37.03 2.45 4.80
CA ALA A 141 37.61 3.79 4.72
C ALA A 141 38.52 3.97 3.50
N THR A 142 38.84 2.92 2.80
CA THR A 142 39.72 2.99 1.64
C THR A 142 38.90 3.18 0.37
N PRO A 143 39.54 3.62 -0.71
CA PRO A 143 38.77 3.82 -1.97
C PRO A 143 38.25 2.54 -2.57
N GLN A 144 38.80 1.38 -2.19
CA GLN A 144 38.46 0.16 -2.89
C GLN A 144 37.12 -0.44 -2.46
N VAL A 145 36.59 -0.11 -1.29
CA VAL A 145 35.27 -0.61 -0.91
C VAL A 145 34.55 0.45 -0.10
N ASP A 146 33.23 0.54 -0.28
CA ASP A 146 32.43 1.52 0.43
C ASP A 146 31.61 0.92 1.55
N LYS A 147 31.25 -0.36 1.44
CA LYS A 147 30.36 -0.99 2.39
C LYS A 147 30.53 -2.49 2.32
N VAL A 148 30.48 -3.13 3.49
CA VAL A 148 30.55 -4.58 3.61
C VAL A 148 29.50 -4.99 4.64
N VAL A 149 28.72 -6.00 4.30
CA VAL A 149 27.75 -6.55 5.23
C VAL A 149 28.38 -7.78 5.84
N LEU A 150 28.46 -7.81 7.17
CA LEU A 150 29.02 -8.92 7.93
C LEU A 150 27.91 -9.56 8.73
N SER A 151 28.07 -10.85 9.02
CA SER A 151 26.98 -11.60 9.64
C SER A 151 27.54 -12.57 10.66
N ARG A 152 26.62 -13.12 11.45
CA ARG A 152 26.98 -14.10 12.47
C ARG A 152 25.81 -15.03 12.71
N LEU A 153 26.09 -16.11 13.42
CA LEU A 153 25.16 -17.19 13.66
C LEU A 153 25.02 -17.46 15.16
N ILE A 154 23.89 -18.06 15.50
CA ILE A 154 23.69 -18.77 16.75
C ILE A 154 23.24 -20.18 16.40
N ASP A 155 24.00 -21.17 16.87
CA ASP A 155 23.66 -22.58 16.77
C ASP A 155 23.09 -23.06 18.10
N ILE A 156 21.95 -23.72 18.02
CA ILE A 156 21.28 -24.26 19.20
C ILE A 156 20.95 -25.73 18.94
N THR A 157 21.34 -26.58 19.89
CA THR A 157 20.90 -27.97 19.93
C THR A 157 19.95 -28.15 21.10
N THR A 158 18.79 -28.73 20.82
CA THR A 158 17.83 -29.08 21.84
C THR A 158 17.91 -30.58 22.09
N ASP A 159 17.15 -31.07 23.05
CA ASP A 159 17.17 -32.48 23.36
C ASP A 159 16.03 -33.24 22.68
N ALA A 160 15.21 -32.56 21.89
CA ALA A 160 14.07 -33.16 21.22
C ALA A 160 13.89 -32.54 19.85
N ALA A 161 13.31 -33.32 18.93
CA ALA A 161 13.01 -32.80 17.60
C ALA A 161 12.05 -31.62 17.71
N ILE A 162 12.30 -30.63 16.88
CA ILE A 162 11.60 -29.35 16.94
C ILE A 162 10.39 -29.39 16.03
N ASP A 163 9.24 -28.96 16.54
CA ASP A 163 7.99 -28.96 15.77
C ASP A 163 7.95 -27.72 14.90
N SER A 164 8.38 -27.85 13.65
CA SER A 164 8.46 -26.70 12.76
C SER A 164 7.11 -26.06 12.50
N GLY A 165 6.02 -26.85 12.62
CA GLY A 165 4.71 -26.29 12.35
C GLY A 165 4.22 -25.39 13.45
N VAL A 166 4.46 -25.78 14.70
CA VAL A 166 4.16 -24.91 15.83
C VAL A 166 4.97 -23.63 15.74
N LEU A 167 6.24 -23.76 15.37
CA LEU A 167 7.09 -22.59 15.26
C LEU A 167 6.56 -21.63 14.21
N LEU A 168 6.13 -22.15 13.06
CA LEU A 168 5.58 -21.27 12.04
C LEU A 168 4.39 -20.48 12.56
N GLU A 169 3.48 -21.12 13.31
CA GLU A 169 2.32 -20.38 13.77
C GLU A 169 2.74 -19.28 14.75
N ARG A 170 3.68 -19.57 15.63
CA ARG A 170 4.18 -18.54 16.53
C ARG A 170 4.87 -17.40 15.77
N LEU A 171 5.64 -17.76 14.74
CA LEU A 171 6.30 -16.76 13.90
C LEU A 171 5.30 -15.81 13.28
N ILE A 172 4.19 -16.35 12.71
CA ILE A 172 3.15 -15.49 12.13
C ILE A 172 2.52 -14.61 13.19
N ALA A 173 2.19 -15.18 14.35
CA ALA A 173 1.51 -14.40 15.38
C ALA A 173 2.41 -13.28 15.90
N GLN A 174 3.70 -13.52 16.00
CA GLN A 174 4.63 -12.49 16.45
C GLN A 174 5.00 -11.49 15.36
N ASN A 175 4.81 -11.85 14.08
CA ASN A 175 5.25 -11.04 12.94
C ASN A 175 4.15 -11.02 11.90
N PRO A 176 2.97 -10.53 12.26
CA PRO A 176 1.81 -10.65 11.36
C PRO A 176 1.96 -9.94 10.04
N VAL A 177 2.85 -8.97 9.93
CA VAL A 177 2.87 -8.14 8.74
C VAL A 177 3.99 -8.51 7.79
N SER A 178 5.00 -9.25 8.25
CA SER A 178 6.16 -9.46 7.40
C SER A 178 5.89 -10.56 6.37
N TYR A 179 6.85 -10.72 5.47
CA TYR A 179 6.81 -11.78 4.46
C TYR A 179 7.27 -13.06 5.13
N ASN A 180 6.33 -13.89 5.54
CA ASN A 180 6.63 -15.04 6.36
C ASN A 180 6.70 -16.27 5.46
N PHE A 181 7.77 -17.04 5.62
CA PHE A 181 8.05 -18.16 4.74
C PHE A 181 8.47 -19.41 5.50
N HIS A 182 8.17 -20.56 4.88
CA HIS A 182 8.53 -21.88 5.38
C HIS A 182 8.87 -22.73 4.16
N VAL A 183 10.14 -23.11 4.03
CA VAL A 183 10.67 -23.72 2.83
C VAL A 183 11.22 -25.10 3.17
N PRO A 184 10.67 -26.17 2.62
CA PRO A 184 11.28 -27.49 2.82
C PRO A 184 12.56 -27.60 2.02
N LEU A 185 13.54 -28.28 2.61
CA LEU A 185 14.88 -28.36 2.04
C LEU A 185 15.25 -29.82 1.75
N ALA A 186 16.19 -29.97 0.84
CA ALA A 186 16.52 -31.29 0.30
C ALA A 186 17.13 -32.20 1.35
N ASP A 187 17.74 -31.64 2.40
CA ASP A 187 18.35 -32.45 3.45
C ASP A 187 17.38 -32.83 4.55
N GLY A 188 16.10 -32.54 4.40
CA GLY A 188 15.12 -32.80 5.43
C GLY A 188 14.87 -31.65 6.39
N GLY A 189 15.63 -30.58 6.28
CA GLY A 189 15.43 -29.43 7.14
C GLY A 189 14.36 -28.50 6.60
N VAL A 190 14.13 -27.41 7.34
CA VAL A 190 13.20 -26.36 6.97
C VAL A 190 13.89 -25.02 7.13
N LEU A 191 13.65 -24.12 6.18
CA LEU A 191 14.06 -22.72 6.30
C LEU A 191 12.82 -21.89 6.58
N LEU A 192 12.84 -21.15 7.68
CA LEU A 192 11.65 -20.46 8.19
C LEU A 192 12.10 -19.03 8.54
N GLY A 193 11.25 -18.03 8.30
CA GLY A 193 11.61 -16.67 8.65
C GLY A 193 10.49 -15.66 8.46
N ALA A 194 10.73 -14.47 9.01
CA ALA A 194 9.80 -13.36 8.95
C ALA A 194 10.55 -12.20 8.32
N SER A 195 10.63 -12.20 7.00
CA SER A 195 11.46 -11.20 6.36
C SER A 195 10.71 -9.88 6.20
N PRO A 196 11.32 -8.75 6.57
CA PRO A 196 10.69 -7.45 6.31
C PRO A 196 11.05 -6.83 4.97
N GLU A 197 11.86 -7.51 4.15
CA GLU A 197 12.51 -6.84 3.03
C GLU A 197 12.13 -7.50 1.70
N LEU A 198 11.35 -6.76 0.92
CA LEU A 198 11.04 -7.14 -0.45
C LEU A 198 12.25 -6.88 -1.33
N LEU A 199 12.70 -7.92 -2.02
CA LEU A 199 13.74 -7.74 -3.02
C LEU A 199 13.15 -7.44 -4.40
N LEU A 200 12.16 -8.22 -4.87
CA LEU A 200 11.56 -7.98 -6.18
C LEU A 200 10.18 -8.61 -6.22
N ARG A 201 9.18 -7.78 -6.49
CA ARG A 201 7.84 -8.23 -6.85
C ARG A 201 7.55 -7.82 -8.28
N LYS A 202 7.01 -8.75 -9.06
CA LYS A 202 6.57 -8.48 -10.43
C LYS A 202 5.13 -8.93 -10.58
N ASP A 203 4.28 -8.03 -11.07
CA ASP A 203 2.86 -8.27 -11.23
C ASP A 203 2.50 -7.53 -12.52
N GLY A 204 2.36 -8.30 -13.60
CA GLY A 204 2.26 -7.72 -14.93
C GLY A 204 3.55 -7.04 -15.32
N GLU A 205 3.42 -5.90 -15.99
CA GLU A 205 4.61 -5.16 -16.41
C GLU A 205 5.28 -4.40 -15.27
N ARG A 206 4.60 -4.21 -14.14
CA ARG A 206 5.21 -3.43 -13.07
C ARG A 206 5.93 -4.29 -12.04
N PHE A 207 6.93 -3.66 -11.41
CA PHE A 207 7.74 -4.36 -10.44
C PHE A 207 8.06 -3.36 -9.34
N SER A 208 8.37 -3.90 -8.18
CA SER A 208 8.79 -3.04 -7.08
C SER A 208 9.85 -3.77 -6.25
N SER A 209 10.59 -2.95 -5.50
CA SER A 209 11.61 -3.40 -4.58
C SER A 209 11.64 -2.42 -3.42
N ILE A 210 11.81 -2.92 -2.20
CA ILE A 210 11.83 -2.04 -1.02
C ILE A 210 13.04 -2.38 -0.17
N PRO A 211 14.23 -1.99 -0.60
CA PRO A 211 15.44 -2.23 0.20
C PRO A 211 15.36 -1.56 1.57
N LEU A 212 15.92 -2.27 2.56
CA LEU A 212 16.04 -1.84 3.94
C LEU A 212 17.50 -1.77 4.35
N ALA A 213 17.88 -0.67 4.98
CA ALA A 213 19.23 -0.54 5.49
C ALA A 213 19.23 0.63 6.44
N GLY A 214 19.87 0.44 7.59
CA GLY A 214 19.73 1.34 8.73
C GLY A 214 18.69 0.84 9.73
N SER A 215 19.06 0.85 11.00
CA SER A 215 18.35 0.12 12.03
C SER A 215 18.38 0.87 13.34
N ALA A 216 17.25 0.86 14.05
CA ALA A 216 17.19 1.39 15.40
C ALA A 216 16.19 0.55 16.17
N ARG A 217 16.46 0.37 17.45
CA ARG A 217 15.59 -0.47 18.27
C ARG A 217 14.25 0.19 18.53
N ARG A 218 13.18 -0.60 18.45
CA ARG A 218 11.87 -0.14 18.88
C ARG A 218 11.89 0.06 20.40
N GLN A 219 11.00 0.94 20.88
CA GLN A 219 10.81 1.18 22.30
C GLN A 219 9.34 0.98 22.70
N PRO A 220 9.06 0.42 23.88
CA PRO A 220 7.67 0.13 24.26
C PRO A 220 6.79 1.36 24.48
N ASP A 221 7.37 2.51 24.78
CA ASP A 221 6.60 3.72 25.02
C ASP A 221 6.46 4.49 23.71
N GLU A 222 5.24 4.94 23.40
CA GLU A 222 5.02 5.60 22.13
C GLU A 222 5.92 6.82 21.98
N VAL A 223 6.17 7.55 23.06
CA VAL A 223 7.04 8.72 22.95
C VAL A 223 8.46 8.31 22.62
N LEU A 224 9.03 7.40 23.40
CA LEU A 224 10.41 6.98 23.14
C LEU A 224 10.49 6.31 21.76
N ASP A 225 9.45 5.61 21.37
CA ASP A 225 9.48 4.87 20.11
C ASP A 225 9.51 5.85 18.92
N ARG A 226 8.65 6.88 18.95
CA ARG A 226 8.69 7.89 17.90
C ARG A 226 10.04 8.57 17.87
N GLU A 227 10.64 8.79 19.05
CA GLU A 227 11.95 9.43 19.11
C GLU A 227 13.03 8.55 18.50
N ALA A 228 12.98 7.24 18.75
CA ALA A 228 13.93 6.33 18.10
C ALA A 228 13.82 6.43 16.58
N GLY A 229 12.60 6.40 16.06
CA GLY A 229 12.42 6.51 14.62
C GLY A 229 12.93 7.82 14.07
N ASN A 230 12.60 8.94 14.74
CA ASN A 230 13.10 10.22 14.26
C ASN A 230 14.62 10.28 14.31
N ARG A 231 15.22 9.70 15.36
CA ARG A 231 16.67 9.65 15.47
C ARG A 231 17.27 8.87 14.32
N LEU A 232 16.64 7.76 13.93
CA LEU A 232 17.13 6.95 12.82
C LEU A 232 17.10 7.74 11.53
N LEU A 233 16.01 8.45 11.29
CA LEU A 233 15.89 9.25 10.09
C LEU A 233 16.93 10.35 10.03
N ALA A 234 17.33 10.90 11.18
CA ALA A 234 18.33 11.95 11.20
C ALA A 234 19.75 11.42 11.41
N SER A 235 19.93 10.10 11.38
CA SER A 235 21.25 9.51 11.67
C SER A 235 22.10 9.50 10.40
N GLU A 236 23.24 10.20 10.45
CA GLU A 236 24.10 10.25 9.26
C GLU A 236 24.64 8.88 8.90
N LYS A 237 24.99 8.07 9.91
CA LYS A 237 25.56 6.76 9.64
C LYS A 237 24.53 5.86 8.92
N ASP A 238 23.33 5.81 9.46
CA ASP A 238 22.30 4.95 8.87
C ASP A 238 21.82 5.47 7.51
N ARG A 239 21.68 6.78 7.36
CA ARG A 239 21.36 7.35 6.05
C ARG A 239 22.46 7.08 5.03
N HIS A 240 23.72 7.05 5.46
CA HIS A 240 24.80 6.72 4.53
C HIS A 240 24.77 5.24 4.17
N GLU A 241 24.64 4.39 5.18
CA GLU A 241 24.49 2.96 5.00
C GLU A 241 23.34 2.66 4.04
N HIS A 242 22.28 3.46 4.12
CA HIS A 242 21.12 3.26 3.24
C HIS A 242 21.34 3.75 1.82
N GLU A 243 21.91 4.95 1.67
CA GLU A 243 22.02 5.53 0.34
C GLU A 243 23.01 4.75 -0.53
N LEU A 244 23.99 4.09 0.07
CA LEU A 244 24.83 3.20 -0.73
C LEU A 244 24.03 2.08 -1.37
N VAL A 245 22.98 1.61 -0.71
CA VAL A 245 22.13 0.58 -1.31
C VAL A 245 21.33 1.17 -2.46
N THR A 246 20.64 2.27 -2.21
CA THR A 246 19.65 2.72 -3.18
C THR A 246 20.30 3.31 -4.42
N GLN A 247 21.47 3.92 -4.30
CA GLN A 247 22.15 4.45 -5.47
C GLN A 247 22.58 3.33 -6.41
N ALA A 248 23.12 2.24 -5.87
CA ALA A 248 23.53 1.10 -6.70
C ALA A 248 22.34 0.50 -7.42
N MET A 249 21.24 0.29 -6.70
CA MET A 249 20.05 -0.29 -7.31
C MET A 249 19.45 0.62 -8.40
N LYS A 250 19.38 1.92 -8.12
CA LYS A 250 18.82 2.86 -9.10
C LYS A 250 19.58 2.79 -10.42
N GLU A 251 20.90 2.79 -10.35
CA GLU A 251 21.71 2.73 -11.57
C GLU A 251 21.42 1.48 -12.38
N VAL A 252 21.42 0.32 -11.73
CA VAL A 252 21.12 -0.92 -12.45
C VAL A 252 19.71 -0.86 -13.02
N LEU A 253 18.73 -0.60 -12.17
CA LEU A 253 17.35 -0.69 -12.64
C LEU A 253 17.06 0.34 -13.73
N ARG A 254 17.73 1.49 -13.72
CA ARG A 254 17.42 2.53 -14.70
C ARG A 254 17.55 2.01 -16.12
N GLU A 255 18.47 1.09 -16.35
CA GLU A 255 18.73 0.60 -17.69
C GLU A 255 17.89 -0.60 -18.07
N ARG A 256 17.03 -1.12 -17.18
CA ARG A 256 16.16 -2.23 -17.54
C ARG A 256 14.71 -1.96 -17.17
N SER A 257 14.37 -0.70 -17.01
CA SER A 257 13.01 -0.29 -16.74
C SER A 257 12.62 0.71 -17.82
N SER A 258 11.34 0.75 -18.15
CA SER A 258 10.84 1.79 -19.05
C SER A 258 10.40 3.02 -18.28
N GLU A 259 10.04 2.86 -17.01
CA GLU A 259 9.88 3.98 -16.11
C GLU A 259 10.29 3.49 -14.73
N LEU A 260 10.72 4.44 -13.90
CA LEU A 260 11.23 4.17 -12.57
C LEU A 260 10.96 5.38 -11.69
N HIS A 261 10.29 5.17 -10.56
CA HIS A 261 10.11 6.18 -9.53
C HIS A 261 10.81 5.74 -8.25
N VAL A 262 11.67 6.61 -7.72
CA VAL A 262 12.38 6.36 -6.48
C VAL A 262 12.36 7.66 -5.67
N PRO A 263 11.84 7.69 -4.45
CA PRO A 263 11.88 8.92 -3.66
C PRO A 263 13.31 9.28 -3.27
N SER A 264 13.53 10.59 -3.07
CA SER A 264 14.86 11.12 -2.76
C SER A 264 15.35 10.71 -1.40
N SER A 265 14.44 10.43 -0.47
CA SER A 265 14.82 10.08 0.89
C SER A 265 14.12 8.80 1.32
N PRO A 266 14.72 8.04 2.23
CA PRO A 266 14.05 6.86 2.77
C PRO A 266 12.92 7.25 3.71
N GLN A 267 12.05 6.28 3.97
CA GLN A 267 11.02 6.42 4.98
C GLN A 267 11.20 5.38 6.07
N LEU A 268 10.62 5.67 7.23
CA LEU A 268 10.63 4.73 8.33
C LEU A 268 9.61 3.62 8.11
N ILE A 269 10.03 2.39 8.40
CA ILE A 269 9.15 1.24 8.52
C ILE A 269 9.51 0.51 9.81
N THR A 270 8.61 -0.35 10.28
CA THR A 270 8.85 -1.06 11.51
C THR A 270 8.70 -2.56 11.32
N THR A 271 9.43 -3.28 12.15
CA THR A 271 9.10 -4.64 12.54
C THR A 271 8.78 -4.60 14.03
N PRO A 272 8.47 -5.75 14.63
CA PRO A 272 8.21 -5.77 16.07
C PRO A 272 9.41 -5.38 16.90
N THR A 273 10.62 -5.53 16.36
CA THR A 273 11.85 -5.27 17.10
C THR A 273 12.58 -4.02 16.64
N LEU A 274 12.40 -3.61 15.39
CA LEU A 274 13.30 -2.62 14.81
C LEU A 274 12.55 -1.60 13.98
N TRP A 275 13.05 -0.37 14.02
CA TRP A 275 12.86 0.59 12.95
C TRP A 275 13.91 0.35 11.88
N HIS A 276 13.53 0.49 10.62
CA HIS A 276 14.44 0.46 9.48
C HIS A 276 14.17 1.65 8.59
N LEU A 277 15.19 2.09 7.88
CA LEU A 277 15.00 2.97 6.73
C LEU A 277 14.73 2.13 5.48
N ALA A 278 13.77 2.60 4.68
CA ALA A 278 13.24 1.89 3.53
C ALA A 278 13.03 2.87 2.38
N THR A 279 13.38 2.46 1.15
CA THR A 279 13.12 3.25 -0.05
C THR A 279 12.37 2.37 -1.04
N PRO A 280 11.14 2.70 -1.40
CA PRO A 280 10.45 1.90 -2.41
C PRO A 280 10.91 2.27 -3.83
N PHE A 281 11.08 1.23 -4.63
CA PHE A 281 11.32 1.38 -6.06
C PHE A 281 10.07 0.88 -6.76
N GLU A 282 9.53 1.69 -7.67
CA GLU A 282 8.38 1.30 -8.49
C GLU A 282 8.74 1.53 -9.94
N GLY A 283 8.70 0.47 -10.75
CA GLY A 283 9.10 0.55 -12.13
C GLY A 283 8.21 -0.27 -13.04
N LYS A 284 8.50 -0.16 -14.32
CA LYS A 284 7.85 -0.94 -15.37
C LYS A 284 8.95 -1.61 -16.17
N ALA A 285 8.73 -2.87 -16.50
CA ALA A 285 9.71 -3.70 -17.21
C ALA A 285 9.11 -4.21 -18.51
N ASN A 286 9.97 -4.69 -19.41
CA ASN A 286 9.47 -5.11 -20.71
C ASN A 286 9.25 -6.62 -20.73
N SER A 287 8.92 -7.12 -21.92
CA SER A 287 8.51 -8.50 -22.12
C SER A 287 9.65 -9.47 -21.94
N GLN A 288 10.89 -9.00 -22.03
CA GLN A 288 12.05 -9.86 -21.79
C GLN A 288 12.18 -10.26 -20.32
N GLU A 289 11.48 -9.61 -19.40
CA GLU A 289 11.77 -9.78 -17.97
C GLU A 289 10.75 -10.68 -17.30
N ASN A 290 11.19 -11.38 -16.26
CA ASN A 290 10.27 -12.01 -15.33
C ASN A 290 10.76 -11.74 -13.91
N ALA A 291 10.05 -12.31 -12.93
CA ALA A 291 10.37 -11.99 -11.54
C ALA A 291 11.78 -12.42 -11.20
N LEU A 292 12.24 -13.52 -11.78
CA LEU A 292 13.59 -14.00 -11.48
C LEU A 292 14.68 -13.28 -12.27
N THR A 293 14.45 -12.85 -13.52
CA THR A 293 15.49 -12.06 -14.18
C THR A 293 15.80 -10.79 -13.38
N LEU A 294 14.75 -10.06 -12.97
CA LEU A 294 14.94 -8.87 -12.17
C LEU A 294 15.45 -9.16 -10.75
N ALA A 295 14.99 -10.25 -10.12
CA ALA A 295 15.49 -10.59 -8.79
C ALA A 295 16.98 -10.94 -8.87
N CYS A 296 17.38 -11.68 -9.90
CA CYS A 296 18.80 -12.01 -10.05
C CYS A 296 19.63 -10.80 -10.45
N LEU A 297 19.02 -9.85 -11.16
CA LEU A 297 19.76 -8.62 -11.47
C LEU A 297 20.14 -7.88 -10.19
N LEU A 298 19.29 -7.94 -9.18
CA LEU A 298 19.46 -7.14 -7.99
C LEU A 298 20.20 -7.88 -6.90
N HIS A 299 20.03 -9.19 -6.83
CA HIS A 299 20.41 -9.93 -5.64
C HIS A 299 21.85 -10.40 -5.68
N PRO A 300 22.62 -10.14 -4.62
CA PRO A 300 22.34 -9.35 -3.43
C PRO A 300 22.69 -7.88 -3.64
N THR A 301 21.89 -7.00 -3.02
CA THR A 301 22.14 -5.58 -3.05
C THR A 301 23.16 -5.23 -1.99
N PRO A 302 23.54 -3.94 -1.90
CA PRO A 302 24.48 -3.56 -0.82
C PRO A 302 23.85 -3.63 0.57
N ALA A 303 22.60 -4.13 0.65
CA ALA A 303 21.99 -4.42 1.93
C ALA A 303 22.50 -5.73 2.49
N LEU A 304 22.93 -6.65 1.62
CA LEU A 304 23.31 -7.99 2.04
C LEU A 304 24.73 -8.37 1.68
N SER A 305 25.31 -7.80 0.63
CA SER A 305 26.72 -8.04 0.31
C SER A 305 27.54 -6.78 0.61
N GLY A 306 27.42 -5.76 -0.23
CA GLY A 306 28.05 -4.49 -0.01
C GLY A 306 28.22 -3.76 -1.32
N PHE A 307 29.09 -2.76 -1.31
CA PHE A 307 29.39 -2.04 -2.51
C PHE A 307 30.86 -1.61 -2.54
N PRO A 308 31.56 -1.88 -3.65
CA PRO A 308 31.11 -2.67 -4.81
C PRO A 308 30.88 -4.13 -4.43
N HIS A 309 30.05 -4.82 -5.22
CA HIS A 309 29.58 -6.14 -4.82
C HIS A 309 30.75 -7.14 -4.75
N GLN A 310 31.60 -7.18 -5.77
CA GLN A 310 32.65 -8.19 -5.79
C GLN A 310 33.66 -7.95 -4.67
N ALA A 311 34.10 -6.72 -4.50
CA ALA A 311 35.02 -6.43 -3.42
C ALA A 311 34.39 -6.80 -2.07
N ALA A 312 33.13 -6.44 -1.87
CA ALA A 312 32.47 -6.77 -0.61
C ALA A 312 32.44 -8.28 -0.37
N THR A 313 32.10 -9.08 -1.39
CA THR A 313 31.99 -10.53 -1.16
C THR A 313 33.36 -11.14 -0.90
N GLN A 314 34.42 -10.59 -1.49
CA GLN A 314 35.78 -11.02 -1.12
C GLN A 314 36.04 -10.77 0.36
N VAL A 315 35.72 -9.57 0.86
CA VAL A 315 35.94 -9.29 2.28
C VAL A 315 35.09 -10.22 3.15
N ILE A 316 33.84 -10.48 2.74
CA ILE A 316 33.00 -11.41 3.49
C ILE A 316 33.66 -12.79 3.56
N ALA A 317 34.14 -13.27 2.41
CA ALA A 317 34.80 -14.58 2.37
C ALA A 317 36.04 -14.61 3.23
N GLU A 318 36.76 -13.49 3.30
CA GLU A 318 37.98 -13.44 4.10
C GLU A 318 37.70 -13.39 5.60
N LEU A 319 36.52 -12.90 6.02
CA LEU A 319 36.28 -12.62 7.44
C LEU A 319 35.27 -13.52 8.11
N GLU A 320 34.23 -14.02 7.40
CA GLU A 320 33.21 -14.83 8.09
C GLU A 320 33.69 -16.28 8.25
N PRO A 321 33.60 -16.86 9.45
CA PRO A 321 34.09 -18.24 9.66
C PRO A 321 33.02 -19.30 9.40
N PHE A 322 32.28 -19.14 8.33
CA PHE A 322 31.18 -20.02 7.94
C PHE A 322 30.76 -19.62 6.54
N ASP A 323 30.02 -20.50 5.88
CA ASP A 323 29.41 -20.18 4.59
C ASP A 323 27.95 -19.81 4.83
N ARG A 324 27.48 -18.77 4.17
CA ARG A 324 26.10 -18.34 4.44
C ARG A 324 25.08 -19.35 3.90
N GLU A 325 25.42 -20.02 2.80
CA GLU A 325 24.49 -20.94 2.13
C GLU A 325 23.23 -20.14 1.81
N LEU A 326 22.04 -20.54 2.29
CA LEU A 326 20.80 -19.85 1.92
C LEU A 326 20.62 -18.53 2.66
N PHE A 327 21.29 -18.35 3.79
CA PHE A 327 21.15 -17.11 4.54
C PHE A 327 21.65 -15.94 3.71
N GLY A 328 20.87 -14.87 3.69
CA GLY A 328 21.20 -13.73 2.90
C GLY A 328 20.87 -13.89 1.44
N GLY A 329 20.33 -15.04 1.04
CA GLY A 329 19.80 -15.22 -0.31
C GLY A 329 18.44 -14.59 -0.47
N ILE A 330 17.63 -15.17 -1.39
CA ILE A 330 16.23 -14.79 -1.56
C ILE A 330 15.33 -16.02 -1.51
N VAL A 331 14.08 -15.76 -1.11
CA VAL A 331 13.06 -16.78 -1.04
C VAL A 331 11.75 -16.24 -1.60
N GLY A 332 10.98 -17.12 -2.21
CA GLY A 332 9.71 -16.71 -2.83
C GLY A 332 9.35 -17.63 -4.00
N TRP A 333 8.85 -17.03 -5.07
CA TRP A 333 8.18 -17.81 -6.12
C TRP A 333 8.15 -17.02 -7.42
N CYS A 334 7.99 -17.79 -8.51
CA CYS A 334 7.84 -17.31 -9.88
C CYS A 334 6.84 -18.22 -10.58
N ASP A 335 5.92 -17.67 -11.36
CA ASP A 335 5.05 -18.51 -12.18
C ASP A 335 5.47 -18.45 -13.64
N SER A 336 4.78 -19.25 -14.49
CA SER A 336 5.18 -19.39 -15.89
C SER A 336 4.82 -18.17 -16.72
N GLU A 337 4.02 -17.26 -16.20
CA GLU A 337 3.77 -16.00 -16.84
C GLU A 337 4.75 -14.89 -16.47
N GLY A 338 5.71 -15.14 -15.60
CA GLY A 338 6.64 -14.11 -15.24
C GLY A 338 6.33 -13.35 -13.97
N ASN A 339 5.17 -13.57 -13.35
CA ASN A 339 4.86 -12.94 -12.09
C ASN A 339 5.58 -13.65 -10.95
N GLY A 340 5.83 -12.92 -9.86
CA GLY A 340 6.48 -13.54 -8.74
C GLY A 340 6.83 -12.55 -7.67
N GLU A 341 7.38 -13.10 -6.58
CA GLU A 341 7.82 -12.27 -5.47
C GLU A 341 8.99 -12.95 -4.78
N TRP A 342 10.02 -12.14 -4.52
CA TRP A 342 11.26 -12.56 -3.89
C TRP A 342 11.57 -11.62 -2.74
N VAL A 343 11.81 -12.20 -1.57
CA VAL A 343 12.16 -11.42 -0.40
C VAL A 343 13.52 -11.90 0.11
N VAL A 344 14.19 -11.03 0.85
CA VAL A 344 15.52 -11.36 1.33
C VAL A 344 15.41 -12.35 2.48
N THR A 345 16.29 -13.34 2.48
CA THR A 345 16.31 -14.40 3.48
C THR A 345 17.05 -13.91 4.75
N ILE A 346 16.30 -13.25 5.62
CA ILE A 346 16.80 -12.72 6.89
C ILE A 346 15.72 -12.94 7.94
N ARG A 347 16.06 -12.63 9.19
CA ARG A 347 15.20 -12.90 10.34
C ARG A 347 14.67 -14.32 10.27
N CYS A 348 15.59 -15.26 10.12
CA CYS A 348 15.28 -16.58 9.63
C CYS A 348 16.14 -17.61 10.36
N ALA A 349 15.76 -18.87 10.20
CA ALA A 349 16.46 -19.98 10.83
C ALA A 349 16.38 -21.18 9.90
N LYS A 350 17.41 -22.02 9.98
CA LYS A 350 17.38 -23.36 9.40
C LYS A 350 17.25 -24.35 10.55
N LEU A 351 16.25 -25.21 10.48
CA LEU A 351 16.14 -26.26 11.48
C LEU A 351 16.05 -27.64 10.85
N ARG A 352 16.60 -28.59 11.59
CA ARG A 352 16.55 -30.00 11.21
C ARG A 352 16.62 -30.80 12.50
N GLU A 353 15.59 -31.61 12.74
CA GLU A 353 15.48 -32.42 13.94
C GLU A 353 15.64 -31.54 15.18
N ASN A 354 16.72 -31.74 15.93
CA ASN A 354 16.94 -31.04 17.18
C ASN A 354 17.99 -29.94 17.05
N GLN A 355 18.27 -29.49 15.84
CA GLN A 355 19.29 -28.50 15.61
C GLN A 355 18.74 -27.30 14.87
N VAL A 356 19.21 -26.12 15.26
CA VAL A 356 18.73 -24.87 14.70
C VAL A 356 19.90 -23.93 14.53
N ARG A 357 19.90 -23.23 13.40
CA ARG A 357 20.87 -22.19 13.10
C ARG A 357 20.13 -20.90 12.76
N LEU A 358 20.40 -19.84 13.54
CA LEU A 358 19.90 -18.49 13.35
C LEU A 358 20.97 -17.61 12.72
N PHE A 359 20.53 -16.60 11.96
CA PHE A 359 21.41 -15.76 11.17
C PHE A 359 21.03 -14.29 11.30
N ALA A 360 22.03 -13.42 11.35
CA ALA A 360 21.79 -11.99 11.24
C ALA A 360 23.03 -11.28 10.74
N GLY A 361 22.80 -10.21 9.97
CA GLY A 361 23.88 -9.42 9.42
C GLY A 361 23.68 -7.94 9.69
N ALA A 362 24.72 -7.16 9.35
CA ALA A 362 24.66 -5.71 9.50
C ALA A 362 25.62 -5.06 8.53
N GLY A 363 25.15 -3.97 7.91
CA GLY A 363 25.96 -3.25 6.96
C GLY A 363 27.01 -2.43 7.67
N ILE A 364 28.27 -2.62 7.30
CA ILE A 364 29.42 -1.92 7.91
C ILE A 364 29.89 -0.79 7.01
N VAL A 365 30.04 0.39 7.61
CA VAL A 365 30.58 1.59 6.97
C VAL A 365 31.60 2.23 7.92
N PRO A 366 32.26 3.33 7.54
CA PRO A 366 33.28 3.91 8.44
C PRO A 366 32.74 4.40 9.76
N ALA A 367 31.46 4.74 9.84
CA ALA A 367 30.83 5.15 11.08
C ALA A 367 30.27 3.99 11.91
N SER A 368 30.49 2.74 11.50
CA SER A 368 30.09 1.60 12.32
C SER A 368 30.95 1.47 13.58
N SER A 369 30.30 1.16 14.69
CA SER A 369 30.96 0.81 15.95
C SER A 369 31.03 -0.71 16.12
N PRO A 370 32.16 -1.33 16.49
CA PRO A 370 32.15 -2.78 16.70
C PRO A 370 31.08 -3.23 17.69
N LEU A 371 30.96 -2.56 18.83
CA LEU A 371 29.94 -2.97 19.77
C LEU A 371 28.54 -2.70 19.21
N GLY A 372 28.39 -1.57 18.51
CA GLY A 372 27.09 -1.23 17.96
C GLY A 372 26.58 -2.28 16.99
N GLU A 373 27.46 -2.80 16.13
CA GLU A 373 27.02 -3.80 15.15
C GLU A 373 26.82 -5.17 15.78
N TRP A 374 27.59 -5.50 16.83
CA TRP A 374 27.30 -6.68 17.62
C TRP A 374 25.89 -6.60 18.21
N ARG A 375 25.52 -5.43 18.71
CA ARG A 375 24.20 -5.26 19.27
C ARG A 375 23.12 -5.22 18.20
N GLU A 376 23.40 -4.59 17.05
CA GLU A 376 22.42 -4.57 15.96
C GLU A 376 22.07 -5.98 15.49
N THR A 377 23.09 -6.80 15.21
CA THR A 377 22.84 -8.19 14.84
C THR A 377 22.15 -8.96 15.95
N GLY A 378 22.45 -8.61 17.21
CA GLY A 378 21.76 -9.22 18.33
C GLY A 378 20.26 -8.96 18.32
N VAL A 379 19.86 -7.70 18.08
CA VAL A 379 18.44 -7.41 18.02
C VAL A 379 17.79 -8.15 16.86
N LYS A 380 18.51 -8.25 15.73
CA LYS A 380 17.95 -8.96 14.57
C LYS A 380 17.70 -10.43 14.89
N LEU A 381 18.65 -11.07 15.57
CA LEU A 381 18.51 -12.45 15.99
C LEU A 381 17.33 -12.66 16.93
N SER A 382 16.92 -11.61 17.66
CA SER A 382 15.83 -11.77 18.61
C SER A 382 14.48 -12.10 17.93
N THR A 383 14.30 -11.80 16.64
CA THR A 383 13.05 -12.20 15.99
C THR A 383 12.87 -13.72 16.09
N MET A 384 13.87 -14.47 15.67
CA MET A 384 13.76 -15.92 15.74
C MET A 384 13.97 -16.45 17.15
N LEU A 385 14.78 -15.78 18.01
CA LEU A 385 14.84 -16.23 19.40
C LEU A 385 13.47 -16.13 20.06
N ASN A 386 12.72 -15.07 19.77
CA ASN A 386 11.35 -14.93 20.27
C ASN A 386 10.44 -16.05 19.80
N VAL A 387 10.58 -16.48 18.54
CA VAL A 387 9.77 -17.59 18.02
C VAL A 387 10.01 -18.86 18.83
N PHE A 388 11.27 -19.14 19.16
CA PHE A 388 11.62 -20.30 19.97
C PHE A 388 11.32 -20.13 21.45
N GLY A 389 10.97 -18.93 21.92
CA GLY A 389 10.77 -18.74 23.34
C GLY A 389 12.06 -18.57 24.10
N LEU A 390 13.12 -18.14 23.43
CA LEU A 390 14.41 -17.91 24.04
C LEU A 390 14.72 -16.44 24.06
N ALA B 14 5.27 8.56 -19.59
CA ALA B 14 5.47 7.89 -18.31
C ALA B 14 4.30 8.16 -17.35
N THR B 15 3.67 7.09 -16.89
CA THR B 15 2.51 7.22 -16.02
C THR B 15 2.92 7.28 -14.55
N LEU B 16 1.98 7.76 -13.74
CA LEU B 16 2.20 7.99 -12.33
C LEU B 16 2.43 6.66 -11.61
N ALA B 17 3.47 6.63 -10.77
CA ALA B 17 3.68 5.46 -9.92
C ALA B 17 2.58 5.34 -8.86
N PRO B 18 2.24 4.11 -8.49
CA PRO B 18 1.10 3.89 -7.58
C PRO B 18 1.30 4.40 -6.16
N ASN B 19 2.53 4.69 -5.74
CA ASN B 19 2.76 5.15 -4.38
C ASN B 19 2.86 6.68 -4.28
N ARG B 20 2.32 7.41 -5.25
CA ARG B 20 2.31 8.86 -5.23
C ARG B 20 0.88 9.39 -5.18
N PHE B 21 0.71 10.47 -4.44
CA PHE B 21 -0.55 11.20 -4.36
C PHE B 21 -0.59 12.25 -5.48
N PHE B 22 -1.75 12.38 -6.11
CA PHE B 22 -1.95 13.25 -7.25
C PHE B 22 -3.27 13.98 -7.04
N PHE B 23 -3.28 15.29 -7.23
CA PHE B 23 -4.50 16.07 -7.00
C PHE B 23 -4.56 17.14 -8.06
N MET B 24 -5.68 17.21 -8.79
CA MET B 24 -5.81 18.05 -9.97
C MET B 24 -7.05 18.91 -9.79
N SER B 25 -6.85 20.23 -9.77
CA SER B 25 -7.84 21.18 -9.25
C SER B 25 -7.56 22.56 -9.81
N PRO B 26 -8.59 23.37 -10.06
CA PRO B 26 -8.37 24.77 -10.46
C PRO B 26 -7.73 25.61 -9.37
N TYR B 27 -7.66 25.13 -8.12
CA TYR B 27 -6.93 25.81 -7.06
C TYR B 27 -5.45 25.42 -7.07
N ARG B 28 -5.09 24.29 -6.47
CA ARG B 28 -3.72 23.78 -6.52
C ARG B 28 -3.67 22.33 -6.98
N SER B 29 -2.90 22.10 -8.04
CA SER B 29 -2.67 20.79 -8.63
C SER B 29 -1.22 20.37 -8.35
N PHE B 30 -1.03 19.15 -7.87
CA PHE B 30 0.31 18.74 -7.48
C PHE B 30 0.37 17.23 -7.35
N THR B 31 1.61 16.73 -7.34
CA THR B 31 1.92 15.35 -7.05
C THR B 31 2.88 15.33 -5.89
N THR B 32 2.93 14.20 -5.19
CA THR B 32 3.83 14.06 -4.05
C THR B 32 4.86 12.98 -4.34
N SER B 33 5.87 12.96 -3.46
CA SER B 33 6.91 11.95 -3.48
C SER B 33 7.26 11.61 -2.05
N GLY B 34 7.37 10.31 -1.76
CA GLY B 34 7.92 9.87 -0.49
C GLY B 34 6.90 9.89 0.64
N CYS B 35 7.37 9.50 1.83
CA CYS B 35 6.48 9.45 2.98
C CYS B 35 7.27 9.72 4.24
N PHE B 36 6.93 10.82 4.92
CA PHE B 36 7.57 11.10 6.18
C PHE B 36 6.83 10.43 7.36
N ALA B 37 5.52 10.60 7.43
CA ALA B 37 4.75 10.08 8.55
C ALA B 37 3.33 9.73 8.11
N ARG B 38 2.88 8.57 8.51
CA ARG B 38 1.49 8.18 8.31
C ARG B 38 0.65 8.70 9.49
N PHE B 39 -0.59 9.04 9.18
CA PHE B 39 -1.47 9.69 10.14
C PHE B 39 -2.83 9.02 10.01
N ASP B 40 -3.16 8.13 10.94
CA ASP B 40 -4.43 7.42 10.83
C ASP B 40 -5.39 7.77 11.95
N GLU B 41 -5.09 8.80 12.72
CA GLU B 41 -5.99 9.25 13.76
C GLU B 41 -7.39 9.48 13.18
N PRO B 42 -8.45 8.94 13.80
CA PRO B 42 -9.81 9.22 13.32
C PRO B 42 -10.08 10.71 13.32
N ALA B 43 -10.83 11.17 12.32
CA ALA B 43 -11.07 12.60 12.12
C ALA B 43 -12.30 13.08 12.87
N VAL B 44 -12.94 12.21 13.65
CA VAL B 44 -14.12 12.63 14.40
C VAL B 44 -13.73 13.74 15.36
N ASN B 45 -14.61 14.72 15.48
CA ASN B 45 -14.39 15.92 16.29
C ASN B 45 -13.23 16.76 15.78
N GLY B 46 -12.84 16.54 14.52
CA GLY B 46 -11.74 17.26 13.89
C GLY B 46 -12.02 18.71 13.64
N ASP B 47 -13.26 19.15 13.82
CA ASP B 47 -13.57 20.56 13.70
C ASP B 47 -13.12 21.33 14.93
N SER B 48 -12.85 20.66 16.05
CA SER B 48 -12.37 21.32 17.26
C SER B 48 -10.84 21.41 17.27
N PRO B 49 -10.27 22.61 17.42
CA PRO B 49 -8.81 22.73 17.58
C PRO B 49 -8.22 21.88 18.72
N ASP B 50 -9.03 21.51 19.70
CA ASP B 50 -8.55 20.73 20.85
C ASP B 50 -8.69 19.23 20.66
N SER B 51 -9.26 18.77 19.55
CA SER B 51 -9.44 17.35 19.39
C SER B 51 -8.10 16.66 19.27
N PRO B 52 -8.03 15.39 19.64
CA PRO B 52 -6.83 14.59 19.33
C PRO B 52 -6.43 14.70 17.87
N PHE B 53 -7.42 14.67 16.96
CA PHE B 53 -7.09 14.74 15.55
C PHE B 53 -6.30 16.00 15.25
N GLN B 54 -6.79 17.14 15.73
CA GLN B 54 -6.12 18.39 15.36
C GLN B 54 -4.82 18.56 16.16
N GLN B 55 -4.75 18.00 17.35
CA GLN B 55 -3.53 18.11 18.16
C GLN B 55 -2.42 17.24 17.59
N LYS B 56 -2.75 16.02 17.16
CA LYS B 56 -1.73 15.18 16.54
C LYS B 56 -1.34 15.70 15.17
N LEU B 57 -2.28 16.27 14.41
CA LEU B 57 -1.93 16.96 13.17
C LEU B 57 -0.83 18.00 13.40
N ALA B 58 -1.07 18.93 14.32
CA ALA B 58 -0.05 19.94 14.65
C ALA B 58 1.28 19.30 15.04
N ALA B 59 1.24 18.26 15.88
CA ALA B 59 2.49 17.66 16.35
C ALA B 59 3.25 17.02 15.20
N LEU B 60 2.56 16.37 14.26
CA LEU B 60 3.28 15.78 13.16
C LEU B 60 3.85 16.84 12.25
N PHE B 61 3.11 17.93 12.04
CA PHE B 61 3.67 19.04 11.27
C PHE B 61 4.93 19.60 11.96
N ALA B 62 4.90 19.63 13.29
CA ALA B 62 6.08 20.11 14.03
C ALA B 62 7.25 19.15 13.85
N ASP B 63 7.00 17.85 13.93
CA ASP B 63 8.05 16.86 13.71
C ASP B 63 8.65 16.99 12.31
N ALA B 64 7.81 17.17 11.29
CA ALA B 64 8.30 17.28 9.93
C ALA B 64 9.20 18.51 9.79
N LYS B 65 8.77 19.64 10.34
CA LYS B 65 9.58 20.85 10.29
C LYS B 65 10.92 20.63 10.98
N ALA B 66 10.90 20.01 12.16
CA ALA B 66 12.15 19.70 12.86
C ALA B 66 13.06 18.74 12.10
N GLN B 67 12.52 17.96 11.16
CA GLN B 67 13.30 17.11 10.29
C GLN B 67 13.66 17.79 8.97
N GLY B 68 13.39 19.08 8.84
CA GLY B 68 13.85 19.78 7.66
C GLY B 68 12.81 19.88 6.55
N ILE B 69 11.60 19.39 6.77
CA ILE B 69 10.53 19.52 5.78
C ILE B 69 9.87 20.86 6.09
N LYS B 70 10.16 21.89 5.32
CA LYS B 70 9.82 23.18 5.90
C LYS B 70 8.36 23.58 5.75
N ASN B 71 7.72 23.20 4.63
CA ASN B 71 6.32 23.52 4.32
C ASN B 71 5.57 22.20 4.17
N PRO B 72 5.37 21.48 5.26
CA PRO B 72 4.76 20.14 5.17
C PRO B 72 3.30 20.21 4.74
N VAL B 73 2.85 19.12 4.15
CA VAL B 73 1.43 19.00 3.79
C VAL B 73 0.96 17.65 4.27
N MET B 74 -0.34 17.57 4.59
CA MET B 74 -0.99 16.33 4.96
C MET B 74 -1.99 16.00 3.84
N VAL B 75 -1.84 14.84 3.22
CA VAL B 75 -2.63 14.44 2.05
C VAL B 75 -3.29 13.11 2.33
N GLY B 76 -4.38 12.84 1.60
CA GLY B 76 -4.99 11.54 1.66
C GLY B 76 -6.50 11.58 1.70
N ALA B 77 -7.06 10.62 2.41
CA ALA B 77 -8.48 10.37 2.37
C ALA B 77 -8.95 10.15 3.80
N ILE B 78 -10.13 10.65 4.09
CA ILE B 78 -10.81 10.43 5.38
C ILE B 78 -12.08 9.64 5.05
N PRO B 79 -12.45 8.65 5.86
CA PRO B 79 -13.55 7.77 5.49
C PRO B 79 -14.92 8.40 5.74
N PHE B 80 -15.94 7.78 5.16
CA PHE B 80 -17.29 8.28 5.34
C PHE B 80 -17.65 8.41 6.82
N ASP B 81 -17.28 7.42 7.62
CA ASP B 81 -17.47 7.43 9.06
C ASP B 81 -16.16 7.89 9.71
N PRO B 82 -16.04 9.15 10.14
CA PRO B 82 -14.75 9.67 10.66
C PRO B 82 -14.33 9.08 11.98
N ARG B 83 -15.16 8.25 12.60
CA ARG B 83 -14.72 7.47 13.75
C ARG B 83 -13.77 6.35 13.36
N GLN B 84 -13.73 6.01 12.08
CA GLN B 84 -12.77 5.03 11.58
C GLN B 84 -11.40 5.70 11.37
N PRO B 85 -10.34 4.91 11.29
CA PRO B 85 -9.00 5.49 11.04
C PRO B 85 -8.96 6.24 9.71
N SER B 86 -8.18 7.31 9.69
CA SER B 86 -7.89 8.07 8.49
C SER B 86 -6.83 7.38 7.63
N SER B 87 -6.77 7.75 6.36
CA SER B 87 -5.71 7.32 5.44
C SER B 87 -4.94 8.55 4.98
N LEU B 88 -4.27 9.20 5.92
CA LEU B 88 -3.57 10.44 5.65
C LEU B 88 -2.06 10.20 5.84
N TYR B 89 -1.27 11.06 5.20
CA TYR B 89 0.16 11.04 5.46
C TYR B 89 0.82 12.34 4.99
N ILE B 90 1.99 12.61 5.57
CA ILE B 90 2.86 13.70 5.14
C ILE B 90 3.86 13.13 4.14
N PRO B 91 3.86 13.61 2.90
CA PRO B 91 4.89 13.18 1.95
C PRO B 91 6.20 13.90 2.26
N GLU B 92 7.26 13.43 1.63
CA GLU B 92 8.54 14.11 1.77
C GLU B 92 8.53 15.45 1.04
N SER B 93 7.90 15.50 -0.13
CA SER B 93 7.85 16.73 -0.93
C SER B 93 6.69 16.67 -1.92
N TRP B 94 6.38 17.82 -2.49
CA TRP B 94 5.38 17.89 -3.53
C TRP B 94 5.91 18.78 -4.66
N GLN B 95 5.24 18.65 -5.79
CA GLN B 95 5.63 19.33 -7.02
C GLN B 95 4.34 19.80 -7.68
N SER B 96 4.21 21.11 -7.88
CA SER B 96 3.06 21.65 -8.60
C SER B 96 3.09 21.29 -10.08
N PHE B 97 1.90 21.30 -10.69
CA PHE B 97 1.81 21.25 -12.15
C PHE B 97 0.64 22.12 -12.60
N SER B 98 0.60 22.38 -13.90
CA SER B 98 -0.46 23.18 -14.50
C SER B 98 -1.66 22.30 -14.85
N ARG B 99 -2.79 22.56 -14.20
CA ARG B 99 -4.03 21.88 -14.58
C ARG B 99 -4.31 22.01 -16.07
N GLN B 100 -4.26 23.24 -16.59
CA GLN B 100 -4.53 23.48 -18.02
C GLN B 100 -3.63 22.65 -18.91
N GLU B 101 -2.34 22.61 -18.59
CA GLU B 101 -1.41 21.84 -19.40
C GLU B 101 -1.74 20.35 -19.32
N LYS B 102 -2.17 19.89 -18.15
CA LYS B 102 -2.49 18.47 -17.97
C LYS B 102 -3.71 18.10 -18.80
N GLN B 103 -4.70 19.00 -18.87
CA GLN B 103 -5.88 18.78 -19.70
C GLN B 103 -5.50 18.61 -21.16
N ALA B 104 -4.86 19.63 -21.72
CA ALA B 104 -4.34 19.55 -23.09
C ALA B 104 -3.59 18.26 -23.33
N SER B 105 -2.80 17.82 -22.34
CA SER B 105 -1.86 16.74 -22.55
C SER B 105 -2.54 15.36 -22.55
N ALA B 106 -3.46 15.13 -21.61
CA ALA B 106 -4.00 13.79 -21.42
C ALA B 106 -4.71 13.25 -22.67
N ARG B 107 -5.16 14.12 -23.56
CA ARG B 107 -5.68 13.71 -24.86
C ARG B 107 -4.63 12.97 -25.69
N SER B 112 -3.67 3.44 -22.94
CA SER B 112 -4.79 2.61 -22.49
C SER B 112 -4.39 1.14 -22.34
N GLN B 113 -5.08 0.40 -21.46
CA GLN B 113 -4.73 -0.98 -21.15
C GLN B 113 -5.84 -1.93 -21.58
N SER B 114 -5.47 -2.93 -22.37
CA SER B 114 -6.37 -4.00 -22.79
C SER B 114 -6.29 -5.16 -21.80
N LEU B 115 -7.41 -5.55 -21.22
CA LEU B 115 -7.40 -6.79 -20.44
C LEU B 115 -8.76 -7.47 -20.55
N ASN B 116 -8.83 -8.66 -19.96
CA ASN B 116 -10.06 -9.44 -19.93
C ASN B 116 -10.73 -9.29 -18.57
N VAL B 117 -12.05 -9.15 -18.57
CA VAL B 117 -12.81 -9.10 -17.33
C VAL B 117 -13.29 -10.50 -16.99
N VAL B 118 -12.70 -11.07 -15.94
CA VAL B 118 -12.97 -12.43 -15.50
C VAL B 118 -14.24 -12.49 -14.70
N GLU B 119 -14.54 -11.44 -13.95
CA GLU B 119 -15.73 -11.41 -13.13
C GLU B 119 -16.23 -10.00 -13.01
N ARG B 120 -17.55 -9.83 -13.10
CA ARG B 120 -18.19 -8.53 -12.95
C ARG B 120 -19.42 -8.75 -12.09
N GLN B 121 -19.42 -8.15 -10.88
CA GLN B 121 -20.48 -8.44 -9.92
C GLN B 121 -21.02 -7.17 -9.26
N ALA B 122 -22.34 -7.04 -9.24
CA ALA B 122 -22.97 -5.92 -8.55
C ALA B 122 -23.22 -6.32 -7.11
N ILE B 123 -22.84 -5.44 -6.19
CA ILE B 123 -22.98 -5.69 -4.77
C ILE B 123 -23.61 -4.47 -4.09
N PRO B 124 -24.85 -4.60 -3.64
CA PRO B 124 -25.78 -5.70 -3.89
C PRO B 124 -26.33 -5.73 -5.33
N GLU B 125 -27.06 -6.79 -5.65
CA GLU B 125 -27.67 -6.88 -6.97
C GLU B 125 -28.97 -6.08 -6.98
N GLN B 126 -29.58 -6.01 -8.17
CA GLN B 126 -30.65 -5.07 -8.45
C GLN B 126 -31.83 -5.24 -7.52
N THR B 127 -32.28 -6.49 -7.32
CA THR B 127 -33.43 -6.73 -6.46
C THR B 127 -33.18 -6.25 -5.04
N THR B 128 -32.02 -6.59 -4.49
CA THR B 128 -31.72 -6.20 -3.14
C THR B 128 -31.67 -4.68 -3.02
N PHE B 129 -30.98 -4.02 -3.95
CA PHE B 129 -30.86 -2.56 -3.88
C PHE B 129 -32.23 -1.89 -4.03
N GLU B 130 -33.06 -2.38 -4.93
CA GLU B 130 -34.39 -1.79 -5.07
C GLU B 130 -35.20 -1.94 -3.80
N GLN B 131 -35.07 -3.07 -3.11
CA GLN B 131 -35.75 -3.23 -1.82
C GLN B 131 -35.20 -2.29 -0.75
N MET B 132 -33.87 -2.12 -0.71
CA MET B 132 -33.27 -1.16 0.19
C MET B 132 -33.84 0.22 -0.03
N VAL B 133 -33.87 0.65 -1.28
CA VAL B 133 -34.41 1.95 -1.63
C VAL B 133 -35.85 2.07 -1.16
N ALA B 134 -36.66 1.05 -1.44
CA ALA B 134 -38.07 1.05 -1.00
C ALA B 134 -38.16 1.28 0.50
N ARG B 135 -37.34 0.55 1.27
CA ARG B 135 -37.35 0.72 2.73
C ARG B 135 -36.94 2.13 3.15
N ALA B 136 -35.89 2.68 2.53
CA ALA B 136 -35.49 4.03 2.90
C ALA B 136 -36.55 5.05 2.52
N ALA B 137 -37.19 4.89 1.36
CA ALA B 137 -38.24 5.83 0.97
C ALA B 137 -39.38 5.80 1.99
N ALA B 138 -39.76 4.61 2.42
CA ALA B 138 -40.82 4.48 3.40
C ALA B 138 -40.44 5.19 4.69
N LEU B 139 -39.20 5.00 5.15
CA LEU B 139 -38.75 5.69 6.36
C LEU B 139 -38.76 7.21 6.20
N THR B 140 -38.43 7.73 5.01
CA THR B 140 -38.35 9.17 4.85
C THR B 140 -39.72 9.82 4.77
N ALA B 141 -40.78 9.02 4.60
CA ALA B 141 -42.15 9.53 4.66
C ALA B 141 -42.59 9.75 6.09
N THR B 142 -41.86 9.25 7.05
CA THR B 142 -42.15 9.41 8.46
C THR B 142 -41.28 10.50 9.05
N PRO B 143 -41.53 10.88 10.31
CA PRO B 143 -40.77 11.99 10.90
C PRO B 143 -39.42 11.63 11.46
N GLN B 144 -39.07 10.34 11.58
CA GLN B 144 -37.77 10.01 12.15
C GLN B 144 -36.60 10.24 11.19
N VAL B 145 -36.85 10.47 9.90
CA VAL B 145 -35.79 10.82 8.95
C VAL B 145 -36.44 11.40 7.71
N ASP B 146 -35.73 12.32 7.04
CA ASP B 146 -36.25 12.95 5.83
C ASP B 146 -35.49 12.58 4.56
N LYS B 147 -34.26 12.11 4.68
CA LYS B 147 -33.48 11.80 3.50
C LYS B 147 -32.38 10.84 3.91
N VAL B 148 -32.19 9.78 3.11
CA VAL B 148 -31.15 8.79 3.32
C VAL B 148 -30.45 8.59 1.98
N VAL B 149 -29.13 8.64 2.01
CA VAL B 149 -28.29 8.34 0.84
C VAL B 149 -27.88 6.87 0.94
N LEU B 150 -28.23 6.10 -0.07
CA LEU B 150 -27.88 4.69 -0.14
C LEU B 150 -26.93 4.48 -1.31
N SER B 151 -26.12 3.42 -1.23
CA SER B 151 -25.02 3.25 -2.16
C SER B 151 -24.86 1.78 -2.51
N ARG B 152 -24.08 1.53 -3.56
CA ARG B 152 -23.81 0.19 -4.04
C ARG B 152 -22.46 0.17 -4.76
N LEU B 153 -22.00 -1.04 -5.05
CA LEU B 153 -20.68 -1.29 -5.60
C LEU B 153 -20.78 -2.14 -6.86
N ILE B 154 -19.77 -2.03 -7.71
CA ILE B 154 -19.46 -3.03 -8.72
C ILE B 154 -18.05 -3.53 -8.47
N ASP B 155 -17.91 -4.86 -8.36
CA ASP B 155 -16.63 -5.53 -8.20
C ASP B 155 -16.23 -6.17 -9.52
N ILE B 156 -15.07 -5.77 -10.02
CA ILE B 156 -14.52 -6.27 -11.28
C ILE B 156 -13.18 -6.95 -11.01
N THR B 157 -13.04 -8.18 -11.53
CA THR B 157 -11.79 -8.92 -11.48
C THR B 157 -11.28 -9.12 -12.90
N THR B 158 -10.02 -8.79 -13.14
CA THR B 158 -9.38 -8.92 -14.44
C THR B 158 -8.38 -10.08 -14.41
N ASP B 159 -7.84 -10.43 -15.58
CA ASP B 159 -6.84 -11.49 -15.64
C ASP B 159 -5.42 -10.95 -15.68
N ALA B 160 -5.23 -9.67 -15.38
CA ALA B 160 -3.94 -9.02 -15.29
C ALA B 160 -4.04 -7.88 -14.29
N ALA B 161 -2.92 -7.52 -13.67
CA ALA B 161 -2.92 -6.38 -12.77
C ALA B 161 -3.34 -5.13 -13.53
N ILE B 162 -4.08 -4.26 -12.86
CA ILE B 162 -4.57 -3.03 -13.46
C ILE B 162 -3.57 -1.91 -13.19
N ASP B 163 -3.18 -1.18 -14.23
CA ASP B 163 -2.17 -0.12 -14.13
C ASP B 163 -2.84 1.17 -13.73
N SER B 164 -2.64 1.57 -12.47
CA SER B 164 -3.35 2.73 -11.94
C SER B 164 -2.89 4.01 -12.62
N GLY B 165 -1.67 4.06 -13.13
CA GLY B 165 -1.22 5.27 -13.82
C GLY B 165 -1.84 5.43 -15.20
N VAL B 166 -2.02 4.32 -15.91
CA VAL B 166 -2.72 4.36 -17.19
C VAL B 166 -4.17 4.74 -16.98
N LEU B 167 -4.80 4.19 -15.94
CA LEU B 167 -6.20 4.53 -15.66
C LEU B 167 -6.37 5.99 -15.30
N LEU B 168 -5.44 6.55 -14.54
CA LEU B 168 -5.48 7.98 -14.22
C LEU B 168 -5.44 8.83 -15.49
N GLU B 169 -4.58 8.47 -16.44
CA GLU B 169 -4.50 9.22 -17.69
C GLU B 169 -5.84 9.23 -18.41
N ARG B 170 -6.45 8.05 -18.52
CA ARG B 170 -7.77 7.93 -19.15
C ARG B 170 -8.82 8.71 -18.38
N LEU B 171 -8.75 8.69 -17.04
CA LEU B 171 -9.69 9.44 -16.22
C LEU B 171 -9.60 10.94 -16.51
N ILE B 172 -8.39 11.49 -16.56
CA ILE B 172 -8.24 12.92 -16.83
C ILE B 172 -8.72 13.25 -18.24
N ALA B 173 -8.37 12.41 -19.22
CA ALA B 173 -8.79 12.65 -20.60
C ALA B 173 -10.31 12.63 -20.71
N GLN B 174 -10.98 11.75 -19.97
CA GLN B 174 -12.44 11.66 -20.02
C GLN B 174 -13.10 12.67 -19.09
N ASN B 175 -12.39 13.23 -18.10
CA ASN B 175 -12.96 14.12 -17.09
C ASN B 175 -12.02 15.29 -16.83
N PRO B 176 -11.76 16.11 -17.85
CA PRO B 176 -10.72 17.14 -17.70
C PRO B 176 -11.01 18.18 -16.64
N VAL B 177 -12.27 18.39 -16.27
CA VAL B 177 -12.62 19.52 -15.43
C VAL B 177 -12.82 19.17 -13.95
N SER B 178 -13.05 17.91 -13.60
CA SER B 178 -13.37 17.56 -12.22
C SER B 178 -12.11 17.54 -11.36
N TYR B 179 -12.32 17.43 -10.04
CA TYR B 179 -11.26 17.28 -9.05
C TYR B 179 -10.76 15.84 -9.11
N ASN B 180 -9.69 15.62 -9.84
CA ASN B 180 -9.21 14.29 -10.17
C ASN B 180 -8.12 13.89 -9.19
N PHE B 181 -8.23 12.72 -8.58
CA PHE B 181 -7.34 12.34 -7.48
C PHE B 181 -6.87 10.89 -7.64
N HIS B 182 -5.73 10.61 -7.02
CA HIS B 182 -5.07 9.30 -7.06
C HIS B 182 -4.32 9.16 -5.74
N VAL B 183 -4.83 8.32 -4.86
CA VAL B 183 -4.39 8.27 -3.47
C VAL B 183 -3.81 6.89 -3.18
N PRO B 184 -2.52 6.79 -2.84
CA PRO B 184 -1.97 5.50 -2.39
C PRO B 184 -2.53 5.13 -1.04
N LEU B 185 -2.77 3.85 -0.85
CA LEU B 185 -3.43 3.35 0.34
C LEU B 185 -2.51 2.39 1.07
N ALA B 186 -2.81 2.18 2.35
CA ALA B 186 -1.86 1.49 3.22
C ALA B 186 -1.73 0.02 2.84
N ASP B 187 -2.79 -0.57 2.28
CA ASP B 187 -2.75 -1.95 1.82
C ASP B 187 -2.15 -2.11 0.44
N GLY B 188 -1.61 -1.04 -0.13
CA GLY B 188 -0.96 -1.07 -1.42
C GLY B 188 -1.90 -0.87 -2.58
N GLY B 189 -3.19 -0.71 -2.31
CA GLY B 189 -4.14 -0.31 -3.33
C GLY B 189 -4.07 1.18 -3.60
N VAL B 190 -4.93 1.62 -4.51
CA VAL B 190 -5.01 3.01 -4.93
C VAL B 190 -6.48 3.40 -4.95
N LEU B 191 -6.76 4.61 -4.49
CA LEU B 191 -8.07 5.22 -4.61
C LEU B 191 -8.00 6.29 -5.69
N LEU B 192 -8.81 6.09 -6.75
CA LEU B 192 -8.79 6.88 -7.97
C LEU B 192 -10.18 7.45 -8.15
N GLY B 193 -10.31 8.71 -8.59
CA GLY B 193 -11.64 9.27 -8.75
C GLY B 193 -11.63 10.58 -9.49
N ALA B 194 -12.80 10.92 -10.04
CA ALA B 194 -13.02 12.15 -10.77
C ALA B 194 -14.18 12.87 -10.09
N SER B 195 -13.90 13.55 -9.00
CA SER B 195 -14.98 14.05 -8.17
C SER B 195 -15.48 15.38 -8.71
N PRO B 196 -16.79 15.57 -8.87
CA PRO B 196 -17.32 16.89 -9.23
C PRO B 196 -17.67 17.79 -8.06
N GLU B 197 -17.53 17.31 -6.83
CA GLU B 197 -18.11 17.94 -5.66
C GLU B 197 -17.05 18.44 -4.70
N LEU B 198 -16.87 19.76 -4.67
CA LEU B 198 -16.00 20.38 -3.67
C LEU B 198 -16.66 20.36 -2.29
N LEU B 199 -15.96 19.83 -1.29
CA LEU B 199 -16.50 19.89 0.06
C LEU B 199 -15.97 21.11 0.83
N LEU B 200 -14.67 21.38 0.77
CA LEU B 200 -14.16 22.55 1.49
C LEU B 200 -12.82 22.91 0.91
N ARG B 201 -12.72 24.12 0.37
CA ARG B 201 -11.47 24.74 -0.05
C ARG B 201 -11.22 25.90 0.89
N LYS B 202 -9.99 26.03 1.38
CA LYS B 202 -9.60 27.21 2.17
C LYS B 202 -8.30 27.75 1.59
N ASP B 203 -8.33 29.04 1.19
CA ASP B 203 -7.17 29.78 0.70
C ASP B 203 -7.09 31.08 1.50
N GLY B 204 -6.11 31.16 2.38
CA GLY B 204 -6.09 32.24 3.36
C GLY B 204 -7.35 32.22 4.20
N GLU B 205 -7.96 33.40 4.37
CA GLU B 205 -9.20 33.54 5.12
C GLU B 205 -10.39 32.95 4.37
N ARG B 206 -10.32 32.94 3.04
CA ARG B 206 -11.49 32.63 2.21
C ARG B 206 -11.71 31.13 2.10
N PHE B 207 -12.99 30.74 2.03
CA PHE B 207 -13.33 29.33 1.88
C PHE B 207 -14.57 29.18 1.02
N SER B 208 -14.73 27.97 0.50
CA SER B 208 -15.87 27.67 -0.37
C SER B 208 -16.22 26.19 -0.28
N SER B 209 -17.47 25.88 -0.64
CA SER B 209 -18.01 24.53 -0.60
C SER B 209 -19.12 24.53 -1.63
N ILE B 210 -19.15 23.51 -2.47
CA ILE B 210 -20.16 23.46 -3.52
C ILE B 210 -20.89 22.13 -3.51
N PRO B 211 -21.82 21.93 -2.60
CA PRO B 211 -22.55 20.67 -2.54
C PRO B 211 -23.37 20.43 -3.80
N LEU B 212 -23.47 19.15 -4.15
CA LEU B 212 -24.23 18.71 -5.31
C LEU B 212 -25.31 17.74 -4.85
N ALA B 213 -26.51 17.90 -5.39
CA ALA B 213 -27.54 16.90 -5.13
C ALA B 213 -28.67 17.16 -6.09
N GLY B 214 -29.22 16.08 -6.63
CA GLY B 214 -30.10 16.16 -7.79
C GLY B 214 -29.33 15.83 -9.05
N SER B 215 -29.92 14.96 -9.86
CA SER B 215 -29.18 14.33 -10.95
C SER B 215 -30.11 14.08 -12.12
N ALA B 216 -29.60 14.31 -13.32
CA ALA B 216 -30.32 14.00 -14.55
C ALA B 216 -29.26 13.65 -15.59
N ARG B 217 -29.56 12.64 -16.41
CA ARG B 217 -28.62 12.19 -17.44
C ARG B 217 -28.39 13.29 -18.49
N ARG B 218 -27.15 13.40 -18.94
CA ARG B 218 -26.81 14.22 -20.09
C ARG B 218 -27.37 13.56 -21.35
N GLN B 219 -27.47 14.36 -22.41
CA GLN B 219 -28.00 13.85 -23.67
C GLN B 219 -27.02 14.15 -24.81
N PRO B 220 -26.86 13.23 -25.76
CA PRO B 220 -25.96 13.55 -26.90
C PRO B 220 -26.44 14.75 -27.67
N ASP B 221 -27.74 14.80 -27.94
CA ASP B 221 -28.33 15.91 -28.69
C ASP B 221 -28.31 17.19 -27.86
N GLU B 222 -27.84 18.26 -28.48
CA GLU B 222 -27.62 19.52 -27.78
C GLU B 222 -28.91 20.12 -27.25
N VAL B 223 -30.02 19.97 -27.98
CA VAL B 223 -31.28 20.53 -27.52
C VAL B 223 -31.90 19.65 -26.44
N LEU B 224 -31.87 18.34 -26.62
CA LEU B 224 -32.34 17.44 -25.57
C LEU B 224 -31.50 17.60 -24.31
N ASP B 225 -30.19 17.83 -24.48
CA ASP B 225 -29.31 18.01 -23.33
C ASP B 225 -29.72 19.24 -22.52
N ARG B 226 -29.89 20.38 -23.19
CA ARG B 226 -30.29 21.59 -22.47
C ARG B 226 -31.66 21.39 -21.84
N GLU B 227 -32.55 20.66 -22.53
CA GLU B 227 -33.84 20.31 -21.96
C GLU B 227 -33.70 19.48 -20.69
N ALA B 228 -32.75 18.55 -20.66
CA ALA B 228 -32.53 17.74 -19.47
C ALA B 228 -32.14 18.61 -18.27
N GLY B 229 -31.25 19.58 -18.48
CA GLY B 229 -30.88 20.47 -17.39
C GLY B 229 -32.04 21.29 -16.87
N ASN B 230 -32.86 21.83 -17.79
CA ASN B 230 -34.00 22.63 -17.36
C ASN B 230 -35.04 21.75 -16.67
N ARG B 231 -35.25 20.54 -17.16
CA ARG B 231 -36.06 19.55 -16.47
C ARG B 231 -35.59 19.37 -15.03
N LEU B 232 -34.26 19.26 -14.83
CA LEU B 232 -33.72 19.06 -13.49
C LEU B 232 -34.00 20.25 -12.58
N LEU B 233 -33.80 21.46 -13.10
CA LEU B 233 -34.10 22.65 -12.31
C LEU B 233 -35.54 22.70 -11.87
N ALA B 234 -36.43 22.18 -12.70
CA ALA B 234 -37.85 22.23 -12.42
C ALA B 234 -38.32 21.03 -11.62
N SER B 235 -37.41 20.10 -11.27
CA SER B 235 -37.81 18.83 -10.69
C SER B 235 -38.04 18.99 -9.20
N GLU B 236 -39.27 18.74 -8.75
CA GLU B 236 -39.58 18.89 -7.33
C GLU B 236 -38.82 17.89 -6.49
N LYS B 237 -38.67 16.66 -7.00
CA LYS B 237 -37.97 15.62 -6.24
C LYS B 237 -36.52 16.01 -6.03
N ASP B 238 -35.83 16.37 -7.13
CA ASP B 238 -34.43 16.75 -7.06
C ASP B 238 -34.21 18.07 -6.32
N ARG B 239 -35.11 19.04 -6.49
CA ARG B 239 -34.96 20.29 -5.74
C ARG B 239 -35.09 20.05 -4.26
N HIS B 240 -35.97 19.12 -3.88
CA HIS B 240 -36.15 18.79 -2.47
C HIS B 240 -34.94 18.03 -1.92
N GLU B 241 -34.47 17.05 -2.69
CA GLU B 241 -33.23 16.33 -2.38
C GLU B 241 -32.10 17.32 -2.08
N HIS B 242 -32.03 18.40 -2.85
CA HIS B 242 -30.93 19.37 -2.79
C HIS B 242 -31.10 20.34 -1.63
N GLU B 243 -32.34 20.79 -1.38
CA GLU B 243 -32.58 21.79 -0.35
C GLU B 243 -32.31 21.24 1.04
N LEU B 244 -32.53 19.95 1.25
CA LEU B 244 -32.18 19.34 2.53
C LEU B 244 -30.66 19.37 2.77
N VAL B 245 -29.87 19.37 1.71
CA VAL B 245 -28.42 19.52 1.85
C VAL B 245 -28.07 20.95 2.24
N THR B 246 -28.55 21.92 1.46
CA THR B 246 -28.07 23.28 1.64
C THR B 246 -28.57 23.89 2.94
N GLN B 247 -29.78 23.56 3.40
CA GLN B 247 -30.25 24.14 4.65
C GLN B 247 -29.41 23.65 5.84
N ALA B 248 -29.08 22.35 5.88
CA ALA B 248 -28.23 21.87 6.97
C ALA B 248 -26.88 22.54 6.96
N MET B 249 -26.26 22.66 5.78
CA MET B 249 -24.93 23.24 5.71
C MET B 249 -24.95 24.72 6.09
N LYS B 250 -25.94 25.46 5.60
CA LYS B 250 -26.07 26.88 5.92
C LYS B 250 -26.14 27.08 7.42
N GLU B 251 -26.93 26.25 8.09
CA GLU B 251 -27.12 26.38 9.53
C GLU B 251 -25.80 26.22 10.29
N VAL B 252 -24.94 25.30 9.86
CA VAL B 252 -23.68 25.10 10.58
C VAL B 252 -22.66 26.16 10.21
N LEU B 253 -22.60 26.55 8.94
CA LEU B 253 -21.57 27.50 8.51
C LEU B 253 -21.88 28.93 8.99
N ARG B 256 -19.82 29.49 12.36
CA ARG B 256 -18.40 29.19 12.21
C ARG B 256 -17.75 30.09 11.18
N SER B 257 -18.58 30.83 10.49
CA SER B 257 -18.13 31.72 9.43
C SER B 257 -18.02 33.13 10.00
N SER B 258 -17.29 33.99 9.29
CA SER B 258 -17.29 35.42 9.59
C SER B 258 -18.01 36.24 8.52
N GLU B 259 -17.92 35.81 7.26
CA GLU B 259 -18.84 36.21 6.19
C GLU B 259 -19.27 34.95 5.46
N LEU B 260 -20.44 34.99 4.83
CA LEU B 260 -20.92 33.83 4.09
C LEU B 260 -21.87 34.30 3.01
N HIS B 261 -21.59 33.90 1.76
CA HIS B 261 -22.43 34.19 0.61
C HIS B 261 -22.96 32.87 0.05
N VAL B 262 -24.28 32.81 -0.11
CA VAL B 262 -24.94 31.58 -0.54
C VAL B 262 -26.13 31.98 -1.38
N PRO B 263 -26.27 31.52 -2.63
CA PRO B 263 -27.46 31.89 -3.41
C PRO B 263 -28.71 31.18 -2.90
N SER B 264 -29.87 31.79 -3.18
CA SER B 264 -31.10 31.24 -2.64
C SER B 264 -31.70 30.17 -3.52
N SER B 265 -31.14 29.95 -4.70
CA SER B 265 -31.57 28.81 -5.51
C SER B 265 -30.34 28.15 -6.10
N PRO B 266 -30.44 26.91 -6.52
CA PRO B 266 -29.27 26.20 -7.06
C PRO B 266 -29.06 26.54 -8.52
N GLN B 267 -27.85 26.25 -8.99
CA GLN B 267 -27.49 26.35 -10.40
C GLN B 267 -27.24 24.95 -10.96
N LEU B 268 -27.11 24.88 -12.27
CA LEU B 268 -26.71 23.63 -12.91
C LEU B 268 -25.19 23.58 -13.05
N ILE B 269 -24.64 22.37 -12.90
CA ILE B 269 -23.30 22.06 -13.34
C ILE B 269 -23.38 20.73 -14.07
N THR B 270 -22.31 20.41 -14.80
CA THR B 270 -22.30 19.18 -15.58
C THR B 270 -21.04 18.38 -15.29
N THR B 271 -21.18 17.06 -15.39
CA THR B 271 -20.05 16.18 -15.68
C THR B 271 -20.26 15.65 -17.09
N PRO B 272 -19.39 14.76 -17.59
CA PRO B 272 -19.64 14.20 -18.92
C PRO B 272 -20.89 13.31 -19.00
N THR B 273 -21.40 12.82 -17.88
CA THR B 273 -22.53 11.89 -17.80
C THR B 273 -23.78 12.51 -17.22
N LEU B 274 -23.65 13.51 -16.34
CA LEU B 274 -24.75 14.02 -15.53
C LEU B 274 -24.78 15.54 -15.48
N TRP B 275 -26.01 16.08 -15.48
CA TRP B 275 -26.33 17.35 -14.84
C TRP B 275 -26.51 17.15 -13.35
N HIS B 276 -26.12 18.16 -12.57
CA HIS B 276 -26.41 18.19 -11.14
C HIS B 276 -26.85 19.59 -10.73
N LEU B 277 -27.62 19.66 -9.65
CA LEU B 277 -27.90 20.92 -9.00
C LEU B 277 -26.77 21.24 -8.03
N ALA B 278 -26.29 22.48 -8.07
CA ALA B 278 -25.15 22.94 -7.29
C ALA B 278 -25.48 24.25 -6.60
N THR B 279 -25.12 24.37 -5.32
CA THR B 279 -25.19 25.65 -4.60
C THR B 279 -23.81 26.04 -4.06
N PRO B 280 -23.14 27.06 -4.61
CA PRO B 280 -21.84 27.47 -4.07
C PRO B 280 -21.96 28.28 -2.78
N PHE B 281 -21.26 27.83 -1.74
CA PHE B 281 -21.03 28.65 -0.55
C PHE B 281 -19.64 29.28 -0.64
N GLU B 282 -19.55 30.55 -0.25
CA GLU B 282 -18.27 31.25 -0.22
C GLU B 282 -18.25 32.15 1.01
N GLY B 283 -17.15 32.13 1.75
CA GLY B 283 -17.10 32.82 3.01
C GLY B 283 -15.67 33.14 3.41
N LYS B 284 -15.55 33.70 4.60
CA LYS B 284 -14.28 33.93 5.27
C LYS B 284 -14.38 33.29 6.64
N ALA B 285 -13.27 32.74 7.11
CA ALA B 285 -13.29 32.04 8.39
C ALA B 285 -12.75 32.92 9.50
N GLN B 288 -8.31 30.72 13.78
CA GLN B 288 -8.70 29.55 14.59
C GLN B 288 -9.08 28.35 13.69
N GLU B 289 -9.46 28.61 12.44
CA GLU B 289 -9.86 27.55 11.53
C GLU B 289 -8.72 27.20 10.56
N ASN B 290 -8.72 25.95 10.11
CA ASN B 290 -7.93 25.54 8.96
C ASN B 290 -8.84 24.72 8.04
N ALA B 291 -8.27 24.28 6.92
CA ALA B 291 -9.06 23.54 5.94
C ALA B 291 -9.67 22.27 6.53
N LEU B 292 -9.00 21.63 7.49
CA LEU B 292 -9.58 20.41 8.04
C LEU B 292 -10.59 20.66 9.17
N THR B 293 -10.50 21.77 9.93
CA THR B 293 -11.57 22.03 10.88
C THR B 293 -12.89 22.27 10.15
N LEU B 294 -12.85 23.04 9.05
CA LEU B 294 -14.08 23.32 8.30
C LEU B 294 -14.55 22.09 7.54
N ALA B 295 -13.63 21.33 6.94
CA ALA B 295 -14.01 20.10 6.24
C ALA B 295 -14.66 19.12 7.21
N CYS B 296 -14.08 18.95 8.41
CA CYS B 296 -14.67 18.06 9.41
C CYS B 296 -15.97 18.61 9.98
N LEU B 297 -16.17 19.92 9.90
CA LEU B 297 -17.45 20.48 10.31
C LEU B 297 -18.57 20.03 9.38
N LEU B 298 -18.25 19.88 8.11
CA LEU B 298 -19.25 19.60 7.08
C LEU B 298 -19.42 18.13 6.76
N HIS B 299 -18.37 17.33 6.94
CA HIS B 299 -18.38 16.00 6.36
C HIS B 299 -18.96 14.93 7.28
N PRO B 300 -19.88 14.10 6.77
CA PRO B 300 -20.58 14.19 5.49
C PRO B 300 -21.84 15.05 5.60
N THR B 301 -22.16 15.77 4.52
CA THR B 301 -23.39 16.52 4.41
C THR B 301 -24.53 15.60 3.98
N PRO B 302 -25.77 16.10 3.94
CA PRO B 302 -26.90 15.26 3.48
C PRO B 302 -26.83 14.89 2.01
N ALA B 303 -25.75 15.30 1.31
CA ALA B 303 -25.47 14.77 -0.02
C ALA B 303 -24.95 13.33 0.04
N LEU B 304 -24.34 12.93 1.16
CA LEU B 304 -23.72 11.63 1.30
C LEU B 304 -24.24 10.80 2.46
N SER B 305 -24.76 11.42 3.53
CA SER B 305 -25.33 10.67 4.65
C SER B 305 -26.84 10.80 4.60
N GLY B 306 -27.38 11.98 4.92
CA GLY B 306 -28.78 12.28 4.81
C GLY B 306 -29.14 13.30 5.87
N PHE B 307 -30.44 13.40 6.14
CA PHE B 307 -30.89 14.36 7.12
C PHE B 307 -32.11 13.86 7.88
N PRO B 308 -32.08 13.93 9.23
CA PRO B 308 -30.91 14.33 10.05
C PRO B 308 -29.75 13.39 9.87
N HIS B 309 -28.51 13.86 10.11
CA HIS B 309 -27.33 13.03 9.87
C HIS B 309 -27.37 11.74 10.68
N GLN B 310 -27.57 11.84 12.01
CA GLN B 310 -27.49 10.62 12.83
C GLN B 310 -28.56 9.61 12.43
N ALA B 311 -29.79 10.07 12.24
CA ALA B 311 -30.84 9.18 11.79
C ALA B 311 -30.45 8.51 10.48
N ALA B 312 -29.92 9.29 9.53
CA ALA B 312 -29.59 8.71 8.23
C ALA B 312 -28.48 7.68 8.36
N THR B 313 -27.44 7.94 9.17
CA THR B 313 -26.35 6.96 9.26
C THR B 313 -26.82 5.66 9.88
N GLN B 314 -27.83 5.72 10.75
CA GLN B 314 -28.36 4.49 11.32
C GLN B 314 -29.10 3.69 10.25
N VAL B 315 -29.86 4.37 9.39
CA VAL B 315 -30.53 3.68 8.29
C VAL B 315 -29.50 3.04 7.37
N ILE B 316 -28.47 3.81 6.96
CA ILE B 316 -27.40 3.27 6.12
C ILE B 316 -26.82 2.01 6.76
N ALA B 317 -26.55 2.05 8.06
CA ALA B 317 -25.91 0.93 8.73
C ALA B 317 -26.81 -0.31 8.70
N GLU B 318 -28.12 -0.13 8.78
CA GLU B 318 -29.02 -1.27 8.76
C GLU B 318 -29.29 -1.82 7.37
N LEU B 319 -29.15 -1.01 6.33
CA LEU B 319 -29.56 -1.42 4.98
C LEU B 319 -28.40 -1.78 4.08
N GLU B 320 -27.22 -1.16 4.24
CA GLU B 320 -26.14 -1.42 3.28
C GLU B 320 -25.39 -2.70 3.66
N PRO B 321 -25.23 -3.66 2.72
CA PRO B 321 -24.58 -4.93 3.07
C PRO B 321 -23.08 -4.87 2.85
N PHE B 322 -22.49 -3.73 3.17
CA PHE B 322 -21.05 -3.51 3.14
C PHE B 322 -20.75 -2.26 3.95
N ASP B 323 -19.46 -2.09 4.26
CA ASP B 323 -18.95 -0.92 4.96
C ASP B 323 -18.34 0.00 3.91
N ARG B 324 -18.77 1.26 3.88
CA ARG B 324 -18.27 2.21 2.89
C ARG B 324 -16.77 2.42 3.00
N GLU B 325 -16.25 2.41 4.21
CA GLU B 325 -14.85 2.76 4.42
C GLU B 325 -14.56 4.10 3.77
N LEU B 326 -13.61 4.19 2.83
CA LEU B 326 -13.25 5.50 2.31
C LEU B 326 -14.28 6.08 1.35
N PHE B 327 -15.09 5.23 0.72
CA PHE B 327 -16.08 5.73 -0.21
C PHE B 327 -17.08 6.66 0.47
N GLY B 328 -17.40 7.75 -0.19
CA GLY B 328 -18.28 8.75 0.41
C GLY B 328 -17.61 9.61 1.45
N GLY B 329 -16.31 9.42 1.67
CA GLY B 329 -15.55 10.30 2.54
C GLY B 329 -15.08 11.53 1.81
N ILE B 330 -13.90 12.04 2.20
CA ILE B 330 -13.29 13.16 1.52
C ILE B 330 -11.84 12.84 1.24
N VAL B 331 -11.33 13.51 0.22
CA VAL B 331 -9.97 13.34 -0.27
C VAL B 331 -9.40 14.72 -0.58
N GLY B 332 -8.11 14.89 -0.28
CA GLY B 332 -7.48 16.17 -0.51
C GLY B 332 -6.25 16.41 0.36
N TRP B 333 -6.11 17.63 0.88
CA TRP B 333 -4.85 18.05 1.48
C TRP B 333 -5.06 19.22 2.41
N CYS B 334 -4.11 19.38 3.34
CA CYS B 334 -4.07 20.53 4.23
C CYS B 334 -2.59 20.84 4.47
N ASP B 335 -2.18 22.11 4.35
CA ASP B 335 -0.81 22.48 4.74
C ASP B 335 -0.77 23.08 6.15
N SER B 336 0.45 23.31 6.68
CA SER B 336 0.51 23.71 8.09
C SER B 336 0.13 25.17 8.30
N GLU B 337 0.06 25.95 7.21
CA GLU B 337 -0.50 27.30 7.28
C GLU B 337 -2.02 27.31 7.33
N GLY B 338 -2.68 26.17 7.18
CA GLY B 338 -4.13 26.11 7.25
C GLY B 338 -4.86 26.13 5.91
N ASN B 339 -4.14 26.22 4.80
CA ASN B 339 -4.77 26.12 3.49
C ASN B 339 -5.03 24.66 3.14
N GLY B 340 -5.98 24.43 2.24
CA GLY B 340 -6.24 23.08 1.82
C GLY B 340 -7.49 22.98 0.98
N GLU B 341 -7.73 21.77 0.49
CA GLU B 341 -8.89 21.53 -0.35
C GLU B 341 -9.32 20.08 -0.17
N TRP B 342 -10.62 19.87 0.05
CA TRP B 342 -11.19 18.55 0.30
C TRP B 342 -12.39 18.39 -0.62
N VAL B 343 -12.47 17.24 -1.29
CA VAL B 343 -13.54 16.95 -2.24
C VAL B 343 -14.17 15.62 -1.84
N VAL B 344 -15.42 15.44 -2.27
CA VAL B 344 -16.15 14.24 -1.84
C VAL B 344 -15.63 13.04 -2.62
N THR B 345 -15.45 11.94 -1.91
CA THR B 345 -14.93 10.73 -2.54
C THR B 345 -16.09 9.98 -3.22
N ILE B 346 -16.38 10.38 -4.45
CA ILE B 346 -17.38 9.77 -5.32
C ILE B 346 -16.80 9.70 -6.73
N ARG B 347 -17.55 9.05 -7.64
CA ARG B 347 -17.10 8.80 -9.02
C ARG B 347 -15.69 8.20 -9.00
N CYS B 348 -15.55 7.18 -8.18
CA CYS B 348 -14.25 6.73 -7.74
C CYS B 348 -14.20 5.22 -7.70
N ALA B 349 -12.98 4.70 -7.58
CA ALA B 349 -12.78 3.27 -7.47
C ALA B 349 -11.57 2.99 -6.59
N LYS B 350 -11.59 1.83 -5.97
CA LYS B 350 -10.39 1.28 -5.34
C LYS B 350 -9.82 0.18 -6.22
N LEU B 351 -8.55 0.32 -6.57
CA LEU B 351 -7.82 -0.65 -7.37
C LEU B 351 -6.78 -1.35 -6.52
N ARG B 352 -6.64 -2.64 -6.74
CA ARG B 352 -5.55 -3.38 -6.11
C ARG B 352 -5.31 -4.64 -6.92
N GLU B 353 -4.09 -4.79 -7.45
CA GLU B 353 -3.73 -5.95 -8.29
C GLU B 353 -4.77 -6.03 -9.41
N ASN B 354 -5.38 -7.19 -9.62
CA ASN B 354 -6.32 -7.43 -10.72
C ASN B 354 -7.77 -7.23 -10.28
N GLN B 355 -8.01 -6.40 -9.27
CA GLN B 355 -9.36 -6.20 -8.78
C GLN B 355 -9.63 -4.72 -8.66
N VAL B 356 -10.87 -4.33 -8.96
CA VAL B 356 -11.31 -2.95 -8.77
C VAL B 356 -12.72 -2.93 -8.23
N ARG B 357 -12.98 -1.97 -7.36
CA ARG B 357 -14.28 -1.78 -6.74
C ARG B 357 -14.74 -0.35 -7.01
N LEU B 358 -15.88 -0.22 -7.67
CA LEU B 358 -16.53 1.05 -8.00
C LEU B 358 -17.67 1.32 -7.05
N PHE B 359 -17.96 2.60 -6.84
CA PHE B 359 -18.91 3.04 -5.82
C PHE B 359 -19.80 4.14 -6.37
N ALA B 360 -21.08 4.11 -5.98
CA ALA B 360 -21.96 5.24 -6.22
C ALA B 360 -23.12 5.21 -5.24
N GLY B 361 -23.63 6.41 -4.91
CA GLY B 361 -24.73 6.56 -3.99
C GLY B 361 -25.81 7.44 -4.60
N ALA B 362 -26.96 7.48 -3.93
CA ALA B 362 -28.04 8.37 -4.35
C ALA B 362 -28.93 8.71 -3.17
N GLY B 363 -29.35 9.98 -3.13
CA GLY B 363 -30.22 10.45 -2.06
C GLY B 363 -31.65 9.97 -2.27
N ILE B 364 -32.23 9.37 -1.22
CA ILE B 364 -33.56 8.77 -1.25
C ILE B 364 -34.50 9.69 -0.48
N VAL B 365 -35.64 10.01 -1.09
CA VAL B 365 -36.73 10.77 -0.49
C VAL B 365 -38.05 10.10 -0.86
N PRO B 366 -39.19 10.55 -0.31
CA PRO B 366 -40.45 9.86 -0.61
C PRO B 366 -40.81 9.84 -2.10
N ALA B 367 -40.25 10.74 -2.90
CA ALA B 367 -40.53 10.72 -4.32
C ALA B 367 -39.58 9.82 -5.12
N SER B 368 -38.57 9.19 -4.48
CA SER B 368 -37.68 8.26 -5.16
C SER B 368 -38.42 6.99 -5.58
N SER B 369 -38.01 6.46 -6.69
CA SER B 369 -38.42 5.12 -7.04
C SER B 369 -37.24 4.15 -6.97
N PRO B 370 -37.49 2.90 -6.59
CA PRO B 370 -36.37 1.93 -6.53
C PRO B 370 -35.59 1.82 -7.84
N LEU B 371 -36.28 1.58 -8.95
CA LEU B 371 -35.58 1.44 -10.22
C LEU B 371 -34.91 2.74 -10.61
N GLY B 372 -35.56 3.88 -10.33
CA GLY B 372 -34.97 5.15 -10.68
C GLY B 372 -33.62 5.37 -9.98
N GLU B 373 -33.52 4.98 -8.72
CA GLU B 373 -32.28 5.17 -7.99
C GLU B 373 -31.24 4.11 -8.35
N TRP B 374 -31.67 2.89 -8.69
CA TRP B 374 -30.76 1.92 -9.30
C TRP B 374 -30.13 2.47 -10.57
N ARG B 375 -30.94 3.15 -11.39
CA ARG B 375 -30.47 3.73 -12.65
C ARG B 375 -29.59 4.95 -12.41
N GLU B 376 -29.96 5.78 -11.43
CA GLU B 376 -29.11 6.92 -11.08
C GLU B 376 -27.74 6.46 -10.58
N THR B 377 -27.69 5.53 -9.64
CA THR B 377 -26.39 5.05 -9.23
C THR B 377 -25.67 4.41 -10.40
N GLY B 378 -26.42 3.79 -11.33
CA GLY B 378 -25.80 3.17 -12.50
C GLY B 378 -25.08 4.17 -13.38
N VAL B 379 -25.72 5.32 -13.64
CA VAL B 379 -25.10 6.36 -14.46
C VAL B 379 -23.89 6.93 -13.75
N LYS B 380 -23.98 7.06 -12.43
CA LYS B 380 -22.82 7.55 -11.69
C LYS B 380 -21.66 6.56 -11.78
N LEU B 381 -21.95 5.25 -11.72
CA LEU B 381 -20.93 4.21 -11.89
C LEU B 381 -20.30 4.27 -13.26
N SER B 382 -21.00 4.83 -14.25
CA SER B 382 -20.47 4.79 -15.61
C SER B 382 -19.28 5.73 -15.79
N THR B 383 -19.04 6.68 -14.88
CA THR B 383 -17.81 7.48 -15.01
C THR B 383 -16.59 6.59 -14.87
N MET B 384 -16.53 5.78 -13.81
CA MET B 384 -15.38 4.89 -13.68
C MET B 384 -15.46 3.72 -14.64
N LEU B 385 -16.67 3.23 -14.97
CA LEU B 385 -16.72 2.16 -15.96
C LEU B 385 -16.12 2.62 -17.28
N ASN B 386 -16.41 3.87 -17.66
CA ASN B 386 -15.84 4.44 -18.87
C ASN B 386 -14.33 4.52 -18.81
N VAL B 387 -13.78 4.83 -17.62
CA VAL B 387 -12.33 4.92 -17.48
C VAL B 387 -11.69 3.56 -17.76
N PHE B 388 -12.30 2.48 -17.26
CA PHE B 388 -11.83 1.13 -17.53
C PHE B 388 -12.12 0.65 -18.92
N GLY B 389 -13.00 1.33 -19.66
CA GLY B 389 -13.39 0.85 -20.96
C GLY B 389 -14.52 -0.16 -20.94
N LEU B 390 -15.34 -0.14 -19.90
CA LEU B 390 -16.61 -0.84 -19.88
C LEU B 390 -17.74 0.17 -20.04
MG MG C . 22.64 -1.59 9.82
C ISC D . 21.11 -2.92 8.45
C1 ISC D . 20.33 -4.00 7.62
O1 ISC D . 22.33 -3.03 8.74
C2 ISC D . 20.99 -4.96 6.65
O2 ISC D . 20.45 -1.92 8.84
C3 ISC D . 20.06 -6.16 6.28
O3 ISC D . 21.29 -4.20 5.44
C4 ISC D . 18.67 -5.75 5.82
C5 ISC D . 17.95 -4.88 6.83
C6 ISC D . 18.81 -4.01 7.76
C1' ISC D . 19.73 -9.02 8.68
O1' ISC D . 18.62 -8.64 9.12
C2' ISC D . 20.40 -8.17 7.63
O2' ISC D . 20.26 -10.06 9.11
C3' ISC D . 21.43 -8.67 6.92
O3' ISC D . 19.87 -6.88 7.48
H2 ISC D . 21.81 -5.29 7.04
H3 ISC D . 20.48 -6.72 5.60
HO3 ISC D . 20.69 -3.63 5.30
H4 ISC D . 18.49 -5.67 4.91
H5 ISC D . 17.05 -4.69 6.72
H6 ISC D . 18.42 -3.48 8.42
H3' ISC D . 21.83 -8.14 6.27
H3'A ISC D . 21.71 -9.54 7.07
C1 ISJ E . 20.04 -6.10 6.45
C2 ISJ E . 20.93 -4.88 6.53
C3 ISJ E . 20.39 -3.65 7.26
C4 ISJ E . 18.89 -3.60 7.57
C5 ISJ E . 17.98 -4.68 7.00
C6 ISJ E . 18.57 -5.76 6.13
C7 ISJ E . 21.34 -3.06 8.29
O8 ISJ E . 22.49 -3.53 8.44
O9 ISJ E . 20.97 -2.11 9.02
O10 ISJ E . 18.56 -5.30 4.80
O11 ISJ E . 20.08 -6.73 7.71
C12 ISJ E . 20.33 -8.11 7.79
C13 ISJ E . 19.44 -8.87 8.76
O14 ISJ E . 19.80 -9.97 9.27
O15 ISJ E . 18.31 -8.39 9.03
C16 ISJ E . 21.27 -8.71 7.08
H1 ISJ E . 20.38 -6.71 5.78
H2 ISJ E . 21.65 -4.80 5.96
H4 ISJ E . 18.58 -3.02 8.23
H5 ISJ E . 17.10 -4.74 7.30
H6 ISJ E . 18.02 -6.57 6.19
HO10 ISJ E . 18.70 -4.47 4.79
H16 ISJ E . 21.81 -8.22 6.50
H16A ISJ E . 21.41 -9.63 7.17
MG MG F . -30.03 11.92 -6.47
C ISC G . -27.72 12.79 -5.91
C1 ISC G . -26.26 13.16 -5.49
O1 ISC G . -28.29 11.86 -5.29
C2 ISC G . -25.65 12.53 -4.27
O2 ISC G . -28.26 13.41 -6.88
C3 ISC G . -24.11 12.46 -4.39
O3 ISC G . -26.09 13.27 -3.12
C4 ISC G . -23.45 13.74 -4.87
C5 ISC G . -23.98 14.26 -6.20
C6 ISC G . -25.43 13.87 -6.52
C1' ISC G . -22.30 9.62 -6.04
O1' ISC G . -21.99 10.25 -7.08
C2' ISC G . -23.15 10.31 -4.98
O2' ISC G . -21.95 8.42 -5.90
C3' ISC G . -23.21 9.79 -3.76
O3' ISC G . -23.89 11.45 -5.37
H2 ISC G . -25.99 11.61 -4.21
H3 ISC G . -23.72 12.19 -3.54
HO3 ISC G . -26.22 14.09 -3.33
H4 ISC G . -23.07 14.33 -4.26
H5 ISC G . -23.59 15.00 -6.59
H6 ISC G . -25.79 14.07 -7.36
H3' ISC G . -23.74 10.21 -3.11
H3'A ISC G . -22.71 9.04 -3.54
C1 ISJ H . -24.38 12.42 -4.29
C2 ISJ H . -25.84 12.77 -4.14
C3 ISJ H . -26.51 13.21 -5.43
C4 ISJ H . -25.60 13.71 -6.56
C5 ISJ H . -24.15 14.03 -6.24
C6 ISJ H . -23.57 13.58 -4.91
C7 ISJ H . -27.87 12.63 -5.82
O8 ISJ H . -28.32 11.69 -5.12
O9 ISJ H . -28.51 13.07 -6.82
O10 ISJ H . -23.58 14.67 -4.02
O11 ISJ H . -24.30 11.29 -5.13
C12 ISJ H . -23.32 10.33 -4.85
C13 ISJ H . -22.42 9.81 -5.98
O14 ISJ H . -21.97 8.63 -5.95
O15 ISJ H . -22.16 10.55 -6.96
C16 ISJ H . -23.16 9.85 -3.64
H1 ISJ H . -24.01 12.20 -3.42
H2 ISJ H . -26.33 12.38 -3.46
H4 ISJ H . -25.88 13.64 -7.44
H5 ISJ H . -23.68 14.63 -6.77
H6 ISJ H . -22.66 13.29 -5.06
HO10 ISJ H . -23.08 14.50 -3.35
H16 ISJ H . -22.50 9.22 -3.47
H16A ISJ H . -23.69 10.17 -2.95
#